data_8V16
#
_entry.id   8V16
#
_cell.length_a   72.076
_cell.length_b   105.891
_cell.length_c   145.371
_cell.angle_alpha   90.000
_cell.angle_beta   90.000
_cell.angle_gamma   90.000
#
_symmetry.space_group_name_H-M   'P 21 21 21'
#
loop_
_entity.id
_entity.type
_entity.pdbx_description
1 polymer 'Esterase 1'
2 non-polymer GLYCEROL
3 water water
#
_entity_poly.entity_id   1
_entity_poly.type   'polypeptide(L)'
_entity_poly.pdbx_seq_one_letter_code
;VPRGSHMLYAQVNGINLHYEIEGQGQPLLLIMGLGAPAAAWDPIFVQTLTKTHQVIIYDNRGTGLSDKPDMPYSIAMFAS
DAVGLLDALNIPRAHVFGVSMGGMIAQELAIHYPQRVASLILGCTTPGGKHAVPAPPESLKALEGRAGLTPEEAIREGWK
LSFSEEFIHTHKAELEAHIPRLLAQLTPRFAYERHFQATMTLRVFKQLKEIQAPTLVATGRDDMLIPAVNSEILAREIPG
AELAIFESAGHGFVTSAREPFLKVLKEFLARQSV
;
_entity_poly.pdbx_strand_id   C,A,B,D
#
# COMPACT_ATOMS: atom_id res chain seq x y z
N MET A 7 11.49 -5.93 -15.21
CA MET A 7 11.88 -4.53 -15.45
C MET A 7 10.67 -3.62 -15.74
N LEU A 8 9.49 -4.14 -16.14
CA LEU A 8 8.31 -3.31 -16.32
C LEU A 8 7.43 -3.38 -15.08
N TYR A 9 6.97 -2.22 -14.62
CA TYR A 9 6.07 -2.07 -13.49
C TYR A 9 4.89 -1.16 -13.86
N ALA A 10 3.76 -1.46 -13.22
CA ALA A 10 2.59 -0.63 -13.25
C ALA A 10 2.29 -0.21 -11.82
N GLN A 11 2.16 1.10 -11.55
CA GLN A 11 1.78 1.50 -10.21
C GLN A 11 0.28 1.65 -10.13
N VAL A 12 -0.36 0.82 -9.29
CA VAL A 12 -1.79 0.78 -9.13
C VAL A 12 -2.08 1.06 -7.66
N ASN A 13 -2.75 2.19 -7.40
CA ASN A 13 -3.03 2.66 -6.05
C ASN A 13 -1.75 2.77 -5.21
N GLY A 14 -0.65 3.22 -5.82
CA GLY A 14 0.57 3.39 -5.08
C GLY A 14 1.38 2.12 -4.92
N ILE A 15 0.82 0.96 -5.33
CA ILE A 15 1.52 -0.32 -5.30
C ILE A 15 2.17 -0.61 -6.66
N ASN A 16 3.47 -0.92 -6.68
CA ASN A 16 4.16 -1.27 -7.90
C ASN A 16 3.94 -2.76 -8.18
N LEU A 17 3.30 -3.06 -9.32
CA LEU A 17 3.12 -4.43 -9.80
C LEU A 17 4.04 -4.69 -10.99
N HIS A 18 4.87 -5.72 -10.87
CA HIS A 18 5.71 -6.20 -11.94
C HIS A 18 4.83 -7.00 -12.91
N TYR A 19 5.00 -6.76 -14.21
CA TYR A 19 4.29 -7.54 -15.21
C TYR A 19 5.22 -7.76 -16.39
N GLU A 20 4.79 -8.66 -17.28
CA GLU A 20 5.44 -8.90 -18.56
C GLU A 20 4.36 -8.94 -19.62
N ILE A 21 4.65 -8.41 -20.82
CA ILE A 21 3.67 -8.34 -21.87
C ILE A 21 4.35 -8.72 -23.19
N GLU A 22 3.68 -9.56 -23.96
CA GLU A 22 4.38 -10.17 -25.06
C GLU A 22 3.35 -10.63 -26.09
N GLY A 23 3.72 -10.52 -27.36
CA GLY A 23 2.86 -11.00 -28.43
C GLY A 23 2.00 -9.87 -29.00
N GLN A 24 1.22 -10.24 -30.02
CA GLN A 24 0.44 -9.29 -30.79
C GLN A 24 -0.96 -9.87 -30.89
N GLY A 25 -1.93 -9.00 -31.07
CA GLY A 25 -3.30 -9.42 -31.20
C GLY A 25 -4.11 -8.99 -29.99
N GLN A 26 -5.19 -9.72 -29.73
CA GLN A 26 -6.15 -9.34 -28.72
C GLN A 26 -5.55 -9.64 -27.34
N PRO A 27 -5.71 -8.71 -26.38
CA PRO A 27 -5.10 -8.88 -25.07
C PRO A 27 -5.72 -10.03 -24.28
N LEU A 28 -4.82 -10.79 -23.64
CA LEU A 28 -5.20 -11.90 -22.81
C LEU A 28 -4.45 -11.80 -21.48
N LEU A 29 -5.22 -11.56 -20.41
CA LEU A 29 -4.69 -11.37 -19.06
C LEU A 29 -4.73 -12.71 -18.33
N LEU A 30 -3.54 -13.18 -17.91
CA LEU A 30 -3.41 -14.39 -17.11
C LEU A 30 -3.26 -14.00 -15.64
N ILE A 31 -4.02 -14.69 -14.76
CA ILE A 31 -4.04 -14.39 -13.32
C ILE A 31 -3.70 -15.67 -12.55
N MET A 32 -2.60 -15.60 -11.80
CA MET A 32 -2.05 -16.72 -11.06
C MET A 32 -2.76 -16.83 -9.72
N GLY A 33 -2.58 -17.99 -9.08
CA GLY A 33 -3.24 -18.31 -7.82
C GLY A 33 -2.37 -18.11 -6.58
N LEU A 34 -2.76 -18.76 -5.46
CA LEU A 34 -2.30 -18.41 -4.11
C LEU A 34 -0.77 -18.33 -4.00
N GLY A 35 -0.25 -17.13 -3.70
CA GLY A 35 1.16 -16.96 -3.44
C GLY A 35 2.07 -17.11 -4.65
N ALA A 36 1.52 -17.24 -5.87
CA ALA A 36 2.35 -17.57 -7.01
C ALA A 36 2.67 -16.32 -7.84
N PRO A 37 3.93 -16.12 -8.23
CA PRO A 37 4.26 -15.01 -9.13
C PRO A 37 4.05 -15.42 -10.58
N ALA A 38 4.26 -14.48 -11.51
CA ALA A 38 4.24 -14.73 -12.95
C ALA A 38 5.21 -15.84 -13.33
N ALA A 39 6.36 -15.94 -12.64
CA ALA A 39 7.34 -16.98 -12.88
C ALA A 39 6.74 -18.39 -12.75
N ALA A 40 5.58 -18.55 -12.08
CA ALA A 40 5.02 -19.88 -11.89
C ALA A 40 4.27 -20.35 -13.14
N TRP A 41 3.95 -19.49 -14.10
CA TRP A 41 3.29 -19.98 -15.31
C TRP A 41 4.20 -20.95 -16.07
N ASP A 42 3.59 -22.01 -16.57
CA ASP A 42 4.24 -22.94 -17.47
C ASP A 42 4.76 -22.12 -18.66
N PRO A 43 6.09 -21.97 -18.86
CA PRO A 43 6.60 -21.08 -19.90
C PRO A 43 6.25 -21.45 -21.35
N ILE A 44 6.02 -22.73 -21.62
CA ILE A 44 5.68 -23.18 -22.96
C ILE A 44 4.24 -22.79 -23.30
N PHE A 45 3.35 -22.87 -22.31
CA PHE A 45 1.97 -22.46 -22.44
C PHE A 45 1.91 -20.98 -22.79
N VAL A 46 2.62 -20.18 -22.00
CA VAL A 46 2.62 -18.75 -22.21
C VAL A 46 3.19 -18.41 -23.59
N GLN A 47 4.38 -18.95 -23.91
CA GLN A 47 5.00 -18.70 -25.20
C GLN A 47 4.06 -19.06 -26.36
N THR A 48 3.41 -20.23 -26.31
CA THR A 48 2.48 -20.61 -27.35
C THR A 48 1.35 -19.59 -27.51
N LEU A 49 0.76 -19.10 -26.39
CA LEU A 49 -0.31 -18.11 -26.50
C LEU A 49 0.16 -16.81 -27.13
N THR A 50 1.43 -16.44 -26.99
CA THR A 50 1.88 -15.18 -27.58
C THR A 50 1.90 -15.21 -29.11
N LYS A 51 1.67 -16.37 -29.73
CA LYS A 51 1.61 -16.49 -31.18
C LYS A 51 0.30 -15.92 -31.72
N THR A 52 -0.76 -15.94 -30.91
CA THR A 52 -2.08 -15.48 -31.34
C THR A 52 -2.55 -14.26 -30.57
N HIS A 53 -2.01 -14.05 -29.34
CA HIS A 53 -2.53 -13.03 -28.43
C HIS A 53 -1.40 -12.19 -27.88
N GLN A 54 -1.75 -10.99 -27.43
CA GLN A 54 -0.92 -10.19 -26.53
C GLN A 54 -1.19 -10.65 -25.09
N VAL A 55 -0.23 -11.39 -24.54
CA VAL A 55 -0.35 -12.05 -23.26
C VAL A 55 0.28 -11.18 -22.18
N ILE A 56 -0.50 -10.97 -21.12
CA ILE A 56 -0.07 -10.22 -19.95
C ILE A 56 -0.05 -11.19 -18.78
N ILE A 57 1.13 -11.34 -18.21
CA ILE A 57 1.29 -12.03 -16.94
C ILE A 57 1.85 -11.04 -15.94
N TYR A 58 1.68 -11.33 -14.65
CA TYR A 58 2.12 -10.38 -13.64
C TYR A 58 2.20 -11.03 -12.28
N ASP A 59 2.84 -10.29 -11.39
CA ASP A 59 3.04 -10.66 -10.01
C ASP A 59 1.99 -9.95 -9.17
N ASN A 60 1.11 -10.72 -8.55
CA ASN A 60 0.19 -10.12 -7.60
C ASN A 60 0.97 -9.49 -6.46
N ARG A 61 0.38 -8.47 -5.82
CA ARG A 61 1.00 -7.91 -4.64
C ARG A 61 1.32 -9.05 -3.68
N GLY A 62 2.44 -8.94 -2.98
CA GLY A 62 2.90 -9.98 -2.09
C GLY A 62 3.87 -10.98 -2.73
N THR A 63 3.97 -10.95 -4.07
CA THR A 63 4.70 -12.00 -4.78
C THR A 63 5.73 -11.42 -5.74
N GLY A 64 6.67 -12.30 -6.13
CA GLY A 64 7.61 -11.98 -7.20
C GLY A 64 8.39 -10.70 -6.93
N LEU A 65 8.40 -9.79 -7.92
CA LEU A 65 9.05 -8.49 -7.83
C LEU A 65 8.08 -7.37 -7.45
N SER A 66 6.81 -7.68 -7.16
CA SER A 66 5.83 -6.65 -6.83
C SER A 66 6.02 -6.15 -5.40
N ASP A 67 5.43 -5.00 -5.06
CA ASP A 67 5.40 -4.56 -3.66
C ASP A 67 4.60 -5.57 -2.81
N LYS A 68 4.88 -5.59 -1.51
CA LYS A 68 4.37 -6.61 -0.63
C LYS A 68 3.84 -5.97 0.66
N PRO A 69 2.82 -5.09 0.61
CA PRO A 69 2.32 -4.43 1.81
C PRO A 69 1.77 -5.43 2.82
N ASP A 70 2.15 -5.29 4.11
CA ASP A 70 1.76 -6.23 5.15
C ASP A 70 0.39 -5.85 5.74
N MET A 71 -0.66 -6.17 4.99
CA MET A 71 -2.02 -5.72 5.28
C MET A 71 -2.95 -6.85 4.81
N PRO A 72 -4.20 -6.95 5.29
CA PRO A 72 -5.17 -7.91 4.75
C PRO A 72 -5.40 -7.72 3.25
N TYR A 73 -5.36 -8.86 2.53
CA TYR A 73 -5.64 -8.91 1.12
C TYR A 73 -7.05 -9.48 0.95
N SER A 74 -7.71 -9.11 -0.13
CA SER A 74 -8.99 -9.69 -0.49
C SER A 74 -9.07 -9.91 -2.01
N ILE A 75 -10.04 -10.73 -2.46
CA ILE A 75 -10.25 -10.95 -3.88
C ILE A 75 -10.65 -9.62 -4.52
N ALA A 76 -11.53 -8.84 -3.86
CA ALA A 76 -11.89 -7.51 -4.38
C ALA A 76 -10.68 -6.61 -4.64
N MET A 77 -9.73 -6.59 -3.71
CA MET A 77 -8.51 -5.79 -3.86
C MET A 77 -7.68 -6.38 -5.02
N PHE A 78 -7.56 -7.70 -5.12
CA PHE A 78 -6.82 -8.28 -6.24
C PHE A 78 -7.47 -7.92 -7.58
N ALA A 79 -8.81 -7.87 -7.61
CA ALA A 79 -9.51 -7.54 -8.84
C ALA A 79 -9.29 -6.08 -9.23
N SER A 80 -9.32 -5.19 -8.22
CA SER A 80 -8.94 -3.81 -8.39
C SER A 80 -7.52 -3.67 -8.98
N ASP A 81 -6.56 -4.46 -8.45
CA ASP A 81 -5.20 -4.43 -8.97
C ASP A 81 -5.17 -4.81 -10.47
N ALA A 82 -5.87 -5.87 -10.87
CA ALA A 82 -5.91 -6.30 -12.27
C ALA A 82 -6.45 -5.22 -13.19
N VAL A 83 -7.57 -4.59 -12.79
CA VAL A 83 -8.19 -3.52 -13.55
C VAL A 83 -7.25 -2.34 -13.68
N GLY A 84 -6.55 -2.00 -12.59
CA GLY A 84 -5.49 -1.00 -12.55
C GLY A 84 -4.40 -1.28 -13.58
N LEU A 85 -3.98 -2.54 -13.68
CA LEU A 85 -2.97 -2.95 -14.65
C LEU A 85 -3.51 -2.70 -16.05
N LEU A 86 -4.75 -3.11 -16.33
CA LEU A 86 -5.36 -2.89 -17.65
C LEU A 86 -5.43 -1.39 -17.96
N ASP A 87 -5.70 -0.57 -16.94
CA ASP A 87 -5.81 0.88 -17.12
C ASP A 87 -4.45 1.48 -17.43
N ALA A 88 -3.42 1.06 -16.68
CA ALA A 88 -2.07 1.51 -16.92
C ALA A 88 -1.66 1.17 -18.36
N LEU A 89 -2.05 -0.02 -18.86
CA LEU A 89 -1.71 -0.46 -20.21
C LEU A 89 -2.67 0.11 -21.26
N ASN A 90 -3.70 0.81 -20.81
CA ASN A 90 -4.63 1.48 -21.70
C ASN A 90 -5.41 0.43 -22.49
N ILE A 91 -5.81 -0.65 -21.82
CA ILE A 91 -6.53 -1.74 -22.45
C ILE A 91 -7.97 -1.68 -21.97
N PRO A 92 -8.95 -1.30 -22.84
CA PRO A 92 -10.34 -1.27 -22.43
C PRO A 92 -10.92 -2.62 -22.03
N ARG A 93 -10.58 -3.69 -22.77
CA ARG A 93 -11.20 -4.97 -22.56
C ARG A 93 -10.20 -6.09 -22.85
N ALA A 94 -10.26 -7.15 -22.05
CA ALA A 94 -9.33 -8.24 -22.25
C ALA A 94 -10.02 -9.56 -22.01
N HIS A 95 -9.52 -10.57 -22.69
CA HIS A 95 -9.81 -11.94 -22.33
C HIS A 95 -9.13 -12.23 -20.99
N VAL A 96 -9.80 -12.94 -20.08
CA VAL A 96 -9.21 -13.18 -18.76
C VAL A 96 -9.21 -14.68 -18.44
N PHE A 97 -8.02 -15.19 -18.12
CA PHE A 97 -7.83 -16.56 -17.67
C PHE A 97 -7.21 -16.55 -16.28
N GLY A 98 -7.94 -17.03 -15.28
CA GLY A 98 -7.36 -17.20 -13.94
C GLY A 98 -7.36 -18.66 -13.53
N VAL A 99 -6.30 -19.08 -12.81
CA VAL A 99 -6.23 -20.40 -12.22
C VAL A 99 -6.26 -20.33 -10.70
N SER A 100 -7.09 -21.22 -10.12
CA SER A 100 -7.24 -21.39 -8.68
C SER A 100 -7.71 -20.10 -8.00
N MET A 101 -6.95 -19.53 -7.06
CA MET A 101 -7.31 -18.21 -6.53
C MET A 101 -7.39 -17.17 -7.65
N GLY A 102 -6.56 -17.31 -8.71
CA GLY A 102 -6.66 -16.44 -9.86
C GLY A 102 -8.00 -16.57 -10.57
N GLY A 103 -8.59 -17.76 -10.53
CA GLY A 103 -9.95 -17.99 -11.00
C GLY A 103 -11.02 -17.31 -10.12
N MET A 104 -10.76 -17.15 -8.83
CA MET A 104 -11.64 -16.38 -7.95
C MET A 104 -11.57 -14.89 -8.32
N ILE A 105 -10.36 -14.38 -8.61
CA ILE A 105 -10.16 -12.99 -9.03
C ILE A 105 -10.89 -12.75 -10.36
N ALA A 106 -10.76 -13.70 -11.28
CA ALA A 106 -11.49 -13.66 -12.54
C ALA A 106 -13.01 -13.53 -12.38
N GLN A 107 -13.61 -14.32 -11.48
CA GLN A 107 -15.03 -14.31 -11.20
C GLN A 107 -15.44 -12.93 -10.70
N GLU A 108 -14.63 -12.39 -9.77
CA GLU A 108 -14.87 -11.05 -9.25
C GLU A 108 -14.86 -10.03 -10.38
N LEU A 109 -13.90 -10.13 -11.32
CA LEU A 109 -13.80 -9.19 -12.43
C LEU A 109 -15.03 -9.22 -13.30
N ALA A 110 -15.45 -10.44 -13.64
CA ALA A 110 -16.57 -10.63 -14.55
C ALA A 110 -17.88 -10.12 -13.94
N ILE A 111 -18.01 -10.20 -12.60
CA ILE A 111 -19.21 -9.70 -11.93
C ILE A 111 -19.15 -8.19 -11.70
N HIS A 112 -18.04 -7.66 -11.18
CA HIS A 112 -17.99 -6.27 -10.75
C HIS A 112 -17.40 -5.36 -11.82
N TYR A 113 -16.69 -5.91 -12.81
CA TYR A 113 -16.10 -5.09 -13.87
C TYR A 113 -16.40 -5.70 -15.22
N PRO A 114 -17.68 -6.02 -15.53
CA PRO A 114 -18.04 -6.79 -16.72
C PRO A 114 -17.62 -6.13 -18.04
N GLN A 115 -17.55 -4.80 -18.06
CA GLN A 115 -17.15 -4.02 -19.23
C GLN A 115 -15.66 -4.18 -19.57
N ARG A 116 -14.85 -4.73 -18.66
CA ARG A 116 -13.43 -4.94 -18.93
C ARG A 116 -13.11 -6.36 -19.40
N VAL A 117 -14.12 -7.24 -19.36
CA VAL A 117 -13.95 -8.67 -19.61
C VAL A 117 -14.57 -9.05 -20.96
N ALA A 118 -13.75 -9.35 -21.96
CA ALA A 118 -14.25 -9.80 -23.26
C ALA A 118 -14.67 -11.26 -23.21
N SER A 119 -13.86 -12.10 -22.56
CA SER A 119 -14.20 -13.49 -22.35
C SER A 119 -13.51 -13.97 -21.07
N LEU A 120 -14.02 -15.07 -20.53
CA LEU A 120 -13.65 -15.52 -19.20
C LEU A 120 -13.30 -17.00 -19.24
N ILE A 121 -12.10 -17.32 -18.75
CA ILE A 121 -11.69 -18.70 -18.60
C ILE A 121 -11.33 -18.93 -17.12
N LEU A 122 -12.02 -19.89 -16.50
CA LEU A 122 -11.86 -20.25 -15.10
C LEU A 122 -11.19 -21.63 -14.98
N GLY A 123 -9.93 -21.65 -14.55
CA GLY A 123 -9.16 -22.87 -14.42
C GLY A 123 -9.08 -23.32 -12.96
N CYS A 124 -9.38 -24.60 -12.74
CA CYS A 124 -9.25 -25.28 -11.46
C CYS A 124 -9.58 -24.35 -10.29
N THR A 125 -10.81 -23.82 -10.30
CA THR A 125 -11.24 -22.83 -9.31
C THR A 125 -12.57 -23.24 -8.72
N THR A 126 -13.06 -22.37 -7.85
CA THR A 126 -14.25 -22.63 -7.07
C THR A 126 -14.96 -21.32 -6.80
N PRO A 127 -16.29 -21.31 -6.56
CA PRO A 127 -16.95 -20.08 -6.07
C PRO A 127 -16.80 -19.84 -4.57
N GLY A 128 -16.24 -20.82 -3.85
CA GLY A 128 -16.20 -20.75 -2.41
C GLY A 128 -17.60 -20.87 -1.80
N GLY A 129 -17.67 -20.74 -0.47
CA GLY A 129 -18.94 -20.65 0.24
C GLY A 129 -19.61 -22.02 0.35
N LYS A 130 -20.87 -22.02 0.77
CA LYS A 130 -21.55 -23.24 1.16
C LYS A 130 -21.78 -24.14 -0.05
N HIS A 131 -21.83 -23.55 -1.26
CA HIS A 131 -22.13 -24.34 -2.45
C HIS A 131 -20.90 -24.98 -3.07
N ALA A 132 -19.71 -24.66 -2.55
CA ALA A 132 -18.44 -25.19 -3.02
C ALA A 132 -18.12 -26.46 -2.27
N VAL A 133 -17.39 -27.35 -2.93
CA VAL A 133 -16.97 -28.58 -2.31
C VAL A 133 -15.51 -28.39 -1.93
N PRO A 134 -15.19 -28.45 -0.62
CA PRO A 134 -13.87 -28.02 -0.16
C PRO A 134 -12.79 -29.05 -0.45
N ALA A 135 -11.53 -28.56 -0.41
CA ALA A 135 -10.34 -29.40 -0.41
C ALA A 135 -10.52 -30.58 0.56
N PRO A 136 -10.19 -31.85 0.17
CA PRO A 136 -10.50 -33.04 0.98
C PRO A 136 -10.37 -32.89 2.51
N LEU A 149 10.75 -29.37 3.68
CA LEU A 149 11.81 -28.89 4.61
C LEU A 149 12.63 -27.78 3.94
N THR A 150 13.70 -28.13 3.17
CA THR A 150 14.36 -27.13 2.33
C THR A 150 13.33 -26.60 1.34
N PRO A 151 13.36 -25.32 0.87
CA PRO A 151 12.33 -24.83 -0.06
C PRO A 151 12.32 -25.62 -1.36
N GLU A 152 13.46 -26.21 -1.75
CA GLU A 152 13.56 -27.13 -2.87
C GLU A 152 12.69 -28.37 -2.59
N GLU A 153 12.84 -28.99 -1.42
CA GLU A 153 12.10 -30.21 -1.08
C GLU A 153 10.60 -29.90 -0.98
N ALA A 154 10.26 -28.67 -0.59
CA ALA A 154 8.88 -28.23 -0.47
C ALA A 154 8.18 -28.19 -1.84
N ILE A 155 8.87 -27.71 -2.88
CA ILE A 155 8.30 -27.67 -4.22
C ILE A 155 8.06 -29.10 -4.68
N ARG A 156 9.02 -30.00 -4.42
CA ARG A 156 8.91 -31.38 -4.87
C ARG A 156 7.74 -32.09 -4.19
N GLU A 157 7.52 -31.78 -2.90
CA GLU A 157 6.41 -32.29 -2.13
C GLU A 157 5.08 -31.74 -2.68
N GLY A 158 5.08 -30.46 -3.06
CA GLY A 158 3.93 -29.78 -3.64
C GLY A 158 3.47 -30.36 -4.97
N TRP A 159 4.39 -30.99 -5.73
CA TRP A 159 4.07 -31.61 -7.00
C TRP A 159 3.00 -32.69 -6.82
N LYS A 160 3.10 -33.44 -5.74
CA LYS A 160 2.20 -34.58 -5.50
C LYS A 160 0.75 -34.12 -5.43
N LEU A 161 0.51 -32.87 -5.03
CA LEU A 161 -0.86 -32.34 -4.95
C LEU A 161 -1.38 -31.88 -6.31
N SER A 162 -0.50 -31.74 -7.32
CA SER A 162 -0.86 -31.17 -8.62
C SER A 162 -0.78 -32.15 -9.78
N PHE A 163 -0.07 -33.26 -9.57
CA PHE A 163 0.33 -34.19 -10.61
C PHE A 163 0.29 -35.59 -10.01
N SER A 164 -0.04 -36.55 -10.86
CA SER A 164 0.00 -37.96 -10.47
C SER A 164 1.45 -38.42 -10.31
N GLU A 165 1.62 -39.55 -9.62
CA GLU A 165 2.95 -40.11 -9.35
C GLU A 165 3.60 -40.56 -10.67
N GLU A 166 2.80 -41.02 -11.61
CA GLU A 166 3.29 -41.40 -12.92
C GLU A 166 3.71 -40.19 -13.77
N PHE A 167 2.92 -39.11 -13.74
CA PHE A 167 3.31 -37.89 -14.45
C PHE A 167 4.65 -37.39 -13.90
N ILE A 168 4.82 -37.38 -12.60
CA ILE A 168 6.04 -36.88 -11.99
C ILE A 168 7.20 -37.76 -12.46
N HIS A 169 6.96 -39.07 -12.61
CA HIS A 169 8.02 -39.97 -13.01
C HIS A 169 8.46 -39.64 -14.44
N THR A 170 7.51 -39.54 -15.36
CA THR A 170 7.85 -39.44 -16.77
C THR A 170 8.24 -38.03 -17.18
N HIS A 171 7.96 -37.03 -16.30
CA HIS A 171 8.23 -35.63 -16.62
C HIS A 171 9.14 -34.97 -15.58
N LYS A 172 10.02 -35.75 -14.93
CA LYS A 172 10.81 -35.26 -13.82
C LYS A 172 11.75 -34.14 -14.27
N ALA A 173 12.31 -34.23 -15.50
CA ALA A 173 13.30 -33.24 -15.92
C ALA A 173 12.61 -31.88 -16.15
N GLU A 174 11.47 -31.91 -16.82
CA GLU A 174 10.68 -30.72 -17.11
C GLU A 174 10.26 -30.04 -15.81
N LEU A 175 9.82 -30.82 -14.82
CA LEU A 175 9.42 -30.26 -13.52
C LEU A 175 10.63 -29.67 -12.78
N GLU A 176 11.76 -30.40 -12.75
CA GLU A 176 12.96 -29.95 -12.04
C GLU A 176 13.48 -28.64 -12.64
N ALA A 177 13.33 -28.48 -13.97
CA ALA A 177 13.85 -27.32 -14.66
C ALA A 177 13.18 -26.04 -14.15
N HIS A 178 11.96 -26.13 -13.60
CA HIS A 178 11.21 -24.96 -13.15
C HIS A 178 11.60 -24.52 -11.73
N ILE A 179 12.25 -25.42 -10.95
CA ILE A 179 12.55 -25.17 -9.54
C ILE A 179 13.34 -23.86 -9.34
N PRO A 180 14.48 -23.62 -10.04
CA PRO A 180 15.28 -22.41 -9.79
C PRO A 180 14.49 -21.10 -10.01
N ARG A 181 13.65 -21.10 -11.05
CA ARG A 181 12.77 -19.99 -11.41
C ARG A 181 11.88 -19.59 -10.22
N LEU A 182 11.28 -20.60 -9.57
CA LEU A 182 10.41 -20.41 -8.42
C LEU A 182 11.20 -19.98 -7.19
N LEU A 183 12.38 -20.59 -6.94
CA LEU A 183 13.18 -20.24 -5.79
C LEU A 183 13.78 -18.83 -5.92
N ALA A 184 13.91 -18.30 -7.15
CA ALA A 184 14.51 -17.00 -7.37
C ALA A 184 13.63 -15.90 -6.78
N GLN A 185 12.34 -16.19 -6.69
CA GLN A 185 11.34 -15.18 -6.38
C GLN A 185 10.37 -15.71 -5.33
N LEU A 186 10.84 -15.89 -4.11
CA LEU A 186 10.02 -16.53 -3.09
C LEU A 186 8.94 -15.56 -2.60
N THR A 187 7.75 -16.09 -2.37
CA THR A 187 6.76 -15.29 -1.67
C THR A 187 7.08 -15.34 -0.18
N PRO A 188 7.34 -14.22 0.52
CA PRO A 188 7.68 -14.34 1.95
C PRO A 188 6.48 -14.86 2.74
N ARG A 189 6.78 -15.48 3.90
CA ARG A 189 5.76 -16.18 4.65
C ARG A 189 4.63 -15.21 5.03
N PHE A 190 4.93 -13.96 5.41
CA PHE A 190 3.87 -13.03 5.82
C PHE A 190 2.87 -12.79 4.68
N ALA A 191 3.38 -12.72 3.44
CA ALA A 191 2.56 -12.43 2.25
C ALA A 191 1.76 -13.67 1.84
N TYR A 192 2.38 -14.85 2.00
CA TYR A 192 1.70 -16.11 1.75
C TYR A 192 0.46 -16.23 2.67
N GLU A 193 0.60 -15.80 3.95
CA GLU A 193 -0.52 -15.78 4.89
CA GLU A 193 -0.53 -15.79 4.88
C GLU A 193 -1.60 -14.82 4.37
N ARG A 194 -1.20 -13.63 3.90
CA ARG A 194 -2.22 -12.70 3.38
C ARG A 194 -2.99 -13.30 2.20
N HIS A 195 -2.28 -13.98 1.29
CA HIS A 195 -2.92 -14.62 0.14
C HIS A 195 -3.85 -15.74 0.62
N PHE A 196 -3.35 -16.60 1.53
CA PHE A 196 -4.18 -17.68 2.04
C PHE A 196 -5.50 -17.12 2.58
N GLN A 197 -5.43 -16.04 3.38
CA GLN A 197 -6.65 -15.51 3.98
C GLN A 197 -7.52 -14.82 2.92
N ALA A 198 -6.92 -14.26 1.84
CA ALA A 198 -7.69 -13.64 0.75
C ALA A 198 -8.62 -14.67 0.10
N THR A 199 -8.23 -15.94 0.06
CA THR A 199 -9.02 -16.97 -0.62
C THR A 199 -10.37 -17.20 0.06
N MET A 200 -10.56 -16.68 1.28
CA MET A 200 -11.78 -16.82 2.06
C MET A 200 -12.73 -15.64 1.78
N THR A 201 -12.35 -14.68 0.92
CA THR A 201 -13.10 -13.44 0.88
C THR A 201 -13.94 -13.33 -0.40
N LEU A 202 -14.15 -14.45 -1.12
CA LEU A 202 -14.96 -14.40 -2.32
C LEU A 202 -16.45 -14.49 -1.95
N ARG A 203 -17.25 -13.59 -2.49
CA ARG A 203 -18.69 -13.63 -2.21
C ARG A 203 -19.47 -13.47 -3.50
N VAL A 204 -19.58 -14.53 -4.31
CA VAL A 204 -20.09 -14.35 -5.66
C VAL A 204 -21.24 -15.30 -6.04
N PHE A 205 -21.52 -16.35 -5.26
CA PHE A 205 -22.23 -17.49 -5.80
C PHE A 205 -23.55 -17.06 -6.49
N LYS A 206 -24.38 -16.24 -5.81
CA LYS A 206 -25.68 -15.86 -6.34
C LYS A 206 -25.55 -14.92 -7.52
N GLN A 207 -24.41 -14.22 -7.62
CA GLN A 207 -24.17 -13.32 -8.75
C GLN A 207 -23.57 -14.03 -9.98
N LEU A 208 -23.14 -15.28 -9.85
CA LEU A 208 -22.59 -16.02 -10.99
C LEU A 208 -23.54 -15.98 -12.20
N LYS A 209 -24.84 -16.05 -11.96
CA LYS A 209 -25.81 -16.13 -13.03
C LYS A 209 -25.98 -14.79 -13.74
N GLU A 210 -25.36 -13.72 -13.26
CA GLU A 210 -25.40 -12.39 -13.89
C GLU A 210 -24.21 -12.16 -14.82
N ILE A 211 -23.25 -13.10 -14.84
CA ILE A 211 -22.08 -12.97 -15.68
C ILE A 211 -22.54 -13.04 -17.13
N GLN A 212 -22.12 -12.06 -17.95
CA GLN A 212 -22.55 -11.97 -19.32
C GLN A 212 -21.44 -12.44 -20.25
N ALA A 213 -20.18 -12.48 -19.76
CA ALA A 213 -19.05 -12.88 -20.60
C ALA A 213 -19.25 -14.30 -21.10
N PRO A 214 -18.89 -14.60 -22.38
CA PRO A 214 -18.67 -15.97 -22.81
C PRO A 214 -17.58 -16.61 -21.95
N THR A 215 -17.87 -17.81 -21.46
CA THR A 215 -17.10 -18.41 -20.38
C THR A 215 -16.72 -19.83 -20.74
N LEU A 216 -15.45 -20.15 -20.49
CA LEU A 216 -14.95 -21.51 -20.47
C LEU A 216 -14.53 -21.88 -19.06
N VAL A 217 -15.09 -22.96 -18.51
CA VAL A 217 -14.61 -23.50 -17.26
C VAL A 217 -13.76 -24.74 -17.56
N ALA A 218 -12.52 -24.82 -16.99
CA ALA A 218 -11.63 -25.92 -17.29
C ALA A 218 -10.95 -26.44 -16.03
N THR A 219 -10.81 -27.76 -15.95
CA THR A 219 -10.01 -28.36 -14.88
C THR A 219 -9.61 -29.78 -15.24
N GLY A 220 -8.69 -30.32 -14.44
CA GLY A 220 -8.32 -31.72 -14.48
C GLY A 220 -9.28 -32.55 -13.63
N ARG A 221 -9.70 -33.72 -14.14
CA ARG A 221 -10.68 -34.53 -13.46
C ARG A 221 -10.17 -34.96 -12.08
N ASP A 222 -8.86 -35.22 -12.00
CA ASP A 222 -8.22 -35.85 -10.85
C ASP A 222 -7.63 -34.77 -9.92
N ASP A 223 -8.19 -33.56 -9.91
CA ASP A 223 -7.64 -32.49 -9.07
C ASP A 223 -7.84 -32.87 -7.59
N MET A 224 -6.73 -32.94 -6.84
CA MET A 224 -6.71 -33.39 -5.46
C MET A 224 -6.76 -32.19 -4.51
N LEU A 225 -6.69 -30.98 -5.04
CA LEU A 225 -6.53 -29.79 -4.22
C LEU A 225 -7.86 -29.06 -4.22
N ILE A 226 -8.37 -28.78 -5.44
CA ILE A 226 -9.72 -28.30 -5.67
C ILE A 226 -10.54 -29.39 -6.38
N PRO A 227 -11.51 -30.04 -5.70
CA PRO A 227 -12.37 -31.02 -6.35
C PRO A 227 -12.98 -30.49 -7.65
N ALA A 228 -12.93 -31.34 -8.69
CA ALA A 228 -13.34 -30.99 -10.05
C ALA A 228 -14.82 -30.66 -10.12
N VAL A 229 -15.61 -31.19 -9.18
CA VAL A 229 -17.03 -30.88 -9.15
C VAL A 229 -17.27 -29.36 -9.01
N ASN A 230 -16.29 -28.63 -8.46
CA ASN A 230 -16.43 -27.18 -8.33
C ASN A 230 -16.58 -26.52 -9.70
N SER A 231 -15.92 -27.09 -10.71
CA SER A 231 -15.98 -26.56 -12.05
C SER A 231 -17.39 -26.81 -12.64
N GLU A 232 -18.00 -27.94 -12.28
CA GLU A 232 -19.35 -28.24 -12.75
C GLU A 232 -20.35 -27.27 -12.12
N ILE A 233 -20.13 -26.97 -10.84
CA ILE A 233 -20.98 -26.03 -10.11
C ILE A 233 -20.86 -24.64 -10.73
N LEU A 234 -19.64 -24.23 -11.08
CA LEU A 234 -19.47 -22.94 -11.74
C LEU A 234 -20.20 -22.91 -13.07
N ALA A 235 -19.94 -23.92 -13.91
CA ALA A 235 -20.49 -23.90 -15.27
C ALA A 235 -22.02 -23.97 -15.22
N ARG A 236 -22.55 -24.65 -14.20
CA ARG A 236 -23.98 -24.79 -13.98
C ARG A 236 -24.61 -23.43 -13.74
N GLU A 237 -23.91 -22.55 -13.01
CA GLU A 237 -24.45 -21.23 -12.68
C GLU A 237 -24.32 -20.20 -13.80
N ILE A 238 -23.24 -20.25 -14.59
CA ILE A 238 -22.93 -19.13 -15.47
C ILE A 238 -23.65 -19.41 -16.78
N PRO A 239 -24.55 -18.50 -17.24
CA PRO A 239 -25.30 -18.71 -18.48
C PRO A 239 -24.37 -18.91 -19.68
N GLY A 240 -24.60 -20.00 -20.40
CA GLY A 240 -23.84 -20.27 -21.63
C GLY A 240 -22.38 -20.69 -21.44
N ALA A 241 -21.88 -20.86 -20.19
CA ALA A 241 -20.59 -21.47 -19.91
C ALA A 241 -20.44 -22.86 -20.54
N GLU A 242 -19.24 -23.11 -21.09
CA GLU A 242 -18.75 -24.41 -21.54
C GLU A 242 -17.82 -24.99 -20.49
N LEU A 243 -17.78 -26.32 -20.42
CA LEU A 243 -17.02 -27.04 -19.43
C LEU A 243 -16.07 -28.00 -20.14
N ALA A 244 -14.76 -27.88 -19.89
CA ALA A 244 -13.78 -28.84 -20.36
C ALA A 244 -13.10 -29.52 -19.17
N ILE A 245 -13.41 -30.79 -18.93
CA ILE A 245 -12.72 -31.55 -17.89
C ILE A 245 -11.75 -32.54 -18.55
N PHE A 246 -10.45 -32.43 -18.18
CA PHE A 246 -9.38 -33.21 -18.78
C PHE A 246 -9.12 -34.48 -17.99
N GLU A 247 -9.05 -35.60 -18.73
CA GLU A 247 -8.80 -36.92 -18.18
C GLU A 247 -7.33 -36.99 -17.76
N SER A 248 -7.06 -37.77 -16.72
CA SER A 248 -5.68 -38.07 -16.31
C SER A 248 -4.88 -36.79 -16.08
N ALA A 249 -5.52 -35.82 -15.42
CA ALA A 249 -4.86 -34.57 -15.09
C ALA A 249 -5.53 -34.03 -13.82
N GLY A 250 -4.77 -33.19 -13.11
CA GLY A 250 -5.16 -32.69 -11.80
C GLY A 250 -5.05 -31.17 -11.74
N HIS A 251 -4.62 -30.66 -10.58
CA HIS A 251 -4.57 -29.22 -10.37
C HIS A 251 -3.61 -28.58 -11.36
N GLY A 252 -2.59 -29.37 -11.74
CA GLY A 252 -1.53 -28.93 -12.61
C GLY A 252 -1.85 -29.10 -14.10
N PHE A 253 -3.14 -29.11 -14.48
CA PHE A 253 -3.58 -29.51 -15.83
C PHE A 253 -3.04 -28.58 -16.94
N VAL A 254 -2.72 -27.32 -16.61
CA VAL A 254 -2.16 -26.41 -17.59
C VAL A 254 -0.82 -26.97 -18.09
N THR A 255 -0.11 -27.72 -17.24
CA THR A 255 1.12 -28.39 -17.63
C THR A 255 0.82 -29.83 -18.08
N SER A 256 0.11 -30.62 -17.25
CA SER A 256 -0.08 -32.03 -17.52
C SER A 256 -1.04 -32.33 -18.67
N ALA A 257 -1.91 -31.37 -19.03
CA ALA A 257 -2.74 -31.46 -20.20
C ALA A 257 -2.54 -30.25 -21.10
N ARG A 258 -1.29 -29.82 -21.27
CA ARG A 258 -0.98 -28.57 -21.93
C ARG A 258 -1.46 -28.56 -23.37
N GLU A 259 -1.16 -29.64 -24.14
CA GLU A 259 -1.50 -29.64 -25.55
C GLU A 259 -3.03 -29.71 -25.73
N PRO A 260 -3.78 -30.62 -25.06
CA PRO A 260 -5.25 -30.65 -25.17
C PRO A 260 -5.93 -29.36 -24.70
N PHE A 261 -5.42 -28.75 -23.62
CA PHE A 261 -5.96 -27.50 -23.09
C PHE A 261 -5.64 -26.34 -24.04
N LEU A 262 -4.40 -26.25 -24.54
CA LEU A 262 -4.10 -25.20 -25.50
C LEU A 262 -5.01 -25.32 -26.72
N LYS A 263 -5.29 -26.53 -27.16
CA LYS A 263 -6.21 -26.66 -28.28
C LYS A 263 -7.58 -26.11 -27.95
N VAL A 264 -8.13 -26.47 -26.78
CA VAL A 264 -9.47 -26.04 -26.38
C VAL A 264 -9.46 -24.52 -26.17
N LEU A 265 -8.42 -24.01 -25.51
CA LEU A 265 -8.38 -22.58 -25.21
C LEU A 265 -8.26 -21.76 -26.49
N LYS A 266 -7.38 -22.17 -27.40
CA LYS A 266 -7.26 -21.46 -28.69
C LYS A 266 -8.58 -21.48 -29.48
N GLU A 267 -9.25 -22.64 -29.52
CA GLU A 267 -10.54 -22.77 -30.20
C GLU A 267 -11.60 -21.85 -29.58
N PHE A 268 -11.70 -21.87 -28.24
CA PHE A 268 -12.58 -20.96 -27.53
C PHE A 268 -12.24 -19.51 -27.87
N LEU A 269 -10.97 -19.11 -27.78
CA LEU A 269 -10.64 -17.71 -27.99
C LEU A 269 -10.90 -17.24 -29.44
N ALA A 270 -10.80 -18.18 -30.40
CA ALA A 270 -11.03 -17.87 -31.82
C ALA A 270 -12.47 -17.45 -32.05
N ARG A 271 -13.40 -17.93 -31.22
CA ARG A 271 -14.80 -17.54 -31.32
C ARG A 271 -15.05 -16.23 -30.57
N GLN A 272 -14.05 -15.68 -29.88
CA GLN A 272 -14.25 -14.47 -29.10
C GLN A 272 -13.65 -13.27 -29.80
N SER A 273 -14.00 -12.08 -29.31
CA SER A 273 -13.43 -10.84 -29.79
C SER A 273 -13.41 -9.81 -28.65
N VAL A 274 -12.48 -8.86 -28.76
CA VAL A 274 -12.49 -7.67 -27.92
C VAL A 274 -13.32 -6.58 -28.63
N MET B 7 -34.91 -24.98 35.54
CA MET B 7 -33.62 -24.74 34.85
C MET B 7 -32.68 -25.92 35.11
N LEU B 8 -31.63 -25.98 34.28
CA LEU B 8 -30.66 -27.06 34.23
C LEU B 8 -29.32 -26.56 34.78
N TYR B 9 -28.62 -27.41 35.55
CA TYR B 9 -27.42 -27.07 36.30
C TYR B 9 -26.49 -28.27 36.20
N ALA B 10 -25.20 -27.98 36.04
CA ALA B 10 -24.16 -28.99 36.12
C ALA B 10 -23.36 -28.68 37.37
N GLN B 11 -23.07 -29.72 38.15
CA GLN B 11 -22.23 -29.54 39.31
C GLN B 11 -20.80 -29.78 38.85
N VAL B 12 -19.97 -28.74 38.91
CA VAL B 12 -18.61 -28.76 38.39
C VAL B 12 -17.71 -28.00 39.38
N ASN B 13 -16.57 -28.58 39.75
CA ASN B 13 -15.59 -27.88 40.57
C ASN B 13 -16.24 -27.39 41.86
N GLY B 14 -17.17 -28.18 42.39
CA GLY B 14 -17.84 -27.82 43.63
C GLY B 14 -18.91 -26.73 43.51
N ILE B 15 -19.30 -26.31 42.29
CA ILE B 15 -20.32 -25.28 42.16
C ILE B 15 -21.35 -25.71 41.14
N ASN B 16 -22.46 -24.95 41.12
CA ASN B 16 -23.52 -25.21 40.16
C ASN B 16 -23.35 -24.23 39.01
N LEU B 17 -23.30 -24.75 37.79
CA LEU B 17 -23.24 -23.97 36.56
C LEU B 17 -24.55 -24.14 35.79
N HIS B 18 -25.25 -23.03 35.58
CA HIS B 18 -26.46 -23.03 34.79
C HIS B 18 -26.08 -23.16 33.32
N TYR B 19 -26.76 -24.04 32.56
CA TYR B 19 -26.53 -24.13 31.13
C TYR B 19 -27.86 -24.30 30.42
N GLU B 20 -27.83 -24.09 29.11
CA GLU B 20 -28.95 -24.38 28.25
C GLU B 20 -28.43 -25.06 26.99
N ILE B 21 -29.24 -25.98 26.45
CA ILE B 21 -28.85 -26.73 25.28
C ILE B 21 -30.05 -26.85 24.34
N GLU B 22 -29.79 -26.61 23.05
CA GLU B 22 -30.86 -26.54 22.07
C GLU B 22 -30.28 -27.02 20.74
N GLY B 23 -31.10 -27.76 19.97
CA GLY B 23 -30.74 -28.21 18.64
C GLY B 23 -30.19 -29.63 18.67
N GLN B 24 -29.97 -30.19 17.48
CA GLN B 24 -29.51 -31.56 17.28
C GLN B 24 -28.31 -31.48 16.34
N GLY B 25 -27.43 -32.47 16.40
CA GLY B 25 -26.25 -32.43 15.55
C GLY B 25 -24.98 -32.38 16.41
N GLN B 26 -23.86 -32.01 15.78
CA GLN B 26 -22.58 -31.97 16.46
C GLN B 26 -22.60 -30.90 17.55
N PRO B 27 -21.94 -31.15 18.69
CA PRO B 27 -21.91 -30.20 19.78
C PRO B 27 -21.08 -28.93 19.50
N LEU B 28 -21.67 -27.78 19.81
CA LEU B 28 -21.01 -26.50 19.69
C LEU B 28 -21.14 -25.75 21.00
N LEU B 29 -20.01 -25.54 21.68
CA LEU B 29 -19.98 -24.85 22.96
C LEU B 29 -19.64 -23.38 22.72
N LEU B 30 -20.54 -22.49 23.18
CA LEU B 30 -20.36 -21.05 23.09
C LEU B 30 -19.91 -20.55 24.45
N ILE B 31 -18.86 -19.75 24.46
CA ILE B 31 -18.29 -19.20 25.69
C ILE B 31 -18.30 -17.68 25.62
N MET B 32 -18.97 -17.09 26.62
CA MET B 32 -19.25 -15.68 26.69
C MET B 32 -18.08 -14.99 27.39
N GLY B 33 -18.01 -13.66 27.22
CA GLY B 33 -16.95 -12.82 27.76
C GLY B 33 -17.28 -12.20 29.13
N LEU B 34 -16.58 -11.08 29.41
CA LEU B 34 -16.40 -10.54 30.75
C LEU B 34 -17.76 -10.18 31.39
N GLY B 35 -18.07 -10.89 32.48
CA GLY B 35 -19.25 -10.63 33.30
C GLY B 35 -20.57 -11.02 32.66
N ALA B 36 -20.56 -11.69 31.48
CA ALA B 36 -21.78 -11.83 30.71
C ALA B 36 -22.34 -13.23 30.88
N PRO B 37 -23.66 -13.34 31.10
CA PRO B 37 -24.33 -14.63 31.21
C PRO B 37 -24.71 -15.13 29.83
N ALA B 38 -25.17 -16.41 29.74
CA ALA B 38 -25.77 -16.97 28.53
C ALA B 38 -26.80 -16.04 27.90
N ALA B 39 -27.55 -15.29 28.75
CA ALA B 39 -28.61 -14.39 28.28
C ALA B 39 -28.05 -13.29 27.36
N ALA B 40 -26.73 -13.02 27.45
CA ALA B 40 -26.14 -11.98 26.64
C ALA B 40 -25.92 -12.39 25.18
N TRP B 41 -26.02 -13.68 24.81
CA TRP B 41 -25.83 -14.05 23.41
C TRP B 41 -26.90 -13.42 22.52
N ASP B 42 -26.47 -12.91 21.38
CA ASP B 42 -27.37 -12.44 20.33
C ASP B 42 -28.35 -13.56 20.01
N PRO B 43 -29.67 -13.39 20.26
CA PRO B 43 -30.62 -14.52 20.14
C PRO B 43 -30.72 -15.11 18.73
N ILE B 44 -30.67 -14.28 17.67
CA ILE B 44 -30.79 -14.77 16.31
C ILE B 44 -29.55 -15.62 15.93
N PHE B 45 -28.39 -15.22 16.45
CA PHE B 45 -27.15 -15.94 16.27
C PHE B 45 -27.31 -17.38 16.75
N VAL B 46 -27.71 -17.51 18.02
CA VAL B 46 -27.89 -18.80 18.68
C VAL B 46 -28.97 -19.64 17.97
N GLN B 47 -30.12 -19.01 17.68
CA GLN B 47 -31.25 -19.72 17.09
C GLN B 47 -30.87 -20.34 15.76
N THR B 48 -30.14 -19.58 14.94
CA THR B 48 -29.72 -20.01 13.63
C THR B 48 -28.80 -21.24 13.72
N LEU B 49 -27.86 -21.23 14.68
CA LEU B 49 -26.89 -22.32 14.78
C LEU B 49 -27.60 -23.60 15.24
N THR B 50 -28.72 -23.49 15.96
CA THR B 50 -29.44 -24.65 16.44
C THR B 50 -30.06 -25.43 15.30
N LYS B 51 -30.09 -24.82 14.10
CA LYS B 51 -30.62 -25.52 12.94
C LYS B 51 -29.70 -26.68 12.51
N THR B 52 -28.38 -26.57 12.78
CA THR B 52 -27.40 -27.51 12.27
C THR B 52 -26.65 -28.24 13.40
N HIS B 53 -26.66 -27.64 14.60
CA HIS B 53 -25.77 -28.03 15.67
C HIS B 53 -26.54 -28.12 16.97
N GLN B 54 -26.02 -28.96 17.87
CA GLN B 54 -26.41 -28.90 19.27
C GLN B 54 -25.63 -27.79 19.99
N VAL B 55 -26.31 -26.70 20.35
CA VAL B 55 -25.67 -25.48 20.81
C VAL B 55 -25.77 -25.44 22.32
N ILE B 56 -24.61 -25.31 22.95
CA ILE B 56 -24.51 -25.27 24.40
C ILE B 56 -24.08 -23.87 24.79
N ILE B 57 -24.93 -23.20 25.55
CA ILE B 57 -24.57 -21.95 26.21
C ILE B 57 -24.71 -22.13 27.72
N TYR B 58 -24.01 -21.28 28.46
CA TYR B 58 -23.99 -21.37 29.90
C TYR B 58 -23.57 -20.05 30.54
N ASP B 59 -23.81 -20.01 31.84
CA ASP B 59 -23.42 -18.90 32.69
C ASP B 59 -22.08 -19.26 33.34
N ASN B 60 -21.00 -18.54 33.02
CA ASN B 60 -19.78 -18.68 33.79
C ASN B 60 -20.07 -18.39 35.28
N ARG B 61 -19.24 -18.96 36.13
CA ARG B 61 -19.31 -18.63 37.54
C ARG B 61 -19.27 -17.11 37.74
N GLY B 62 -20.10 -16.62 38.66
CA GLY B 62 -20.25 -15.21 38.90
C GLY B 62 -21.33 -14.54 38.05
N THR B 63 -21.91 -15.24 37.07
CA THR B 63 -22.88 -14.60 36.20
C THR B 63 -24.18 -15.39 36.21
N GLY B 64 -25.23 -14.70 35.79
CA GLY B 64 -26.52 -15.33 35.55
C GLY B 64 -27.08 -16.09 36.74
N LEU B 65 -27.39 -17.39 36.52
CA LEU B 65 -27.95 -18.27 37.53
C LEU B 65 -26.90 -19.21 38.11
N SER B 66 -25.64 -19.05 37.72
CA SER B 66 -24.59 -19.88 38.26
C SER B 66 -24.24 -19.39 39.67
N ASP B 67 -23.57 -20.23 40.47
CA ASP B 67 -22.95 -19.84 41.73
C ASP B 67 -21.91 -18.74 41.49
N LYS B 68 -21.73 -17.89 42.51
CA LYS B 68 -20.93 -16.68 42.42
C LYS B 68 -20.01 -16.57 43.62
N PRO B 69 -19.05 -17.53 43.81
CA PRO B 69 -18.05 -17.46 44.88
C PRO B 69 -17.19 -16.21 44.78
N ASP B 70 -16.91 -15.58 45.94
CA ASP B 70 -16.12 -14.36 45.95
C ASP B 70 -14.67 -14.71 46.23
N MET B 71 -13.95 -15.09 45.17
CA MET B 71 -12.58 -15.57 45.25
C MET B 71 -11.94 -15.19 43.93
N PRO B 72 -10.60 -15.09 43.82
CA PRO B 72 -9.97 -14.76 42.54
C PRO B 72 -10.38 -15.75 41.48
N TYR B 73 -10.65 -15.24 40.27
CA TYR B 73 -10.99 -16.08 39.13
C TYR B 73 -9.77 -16.10 38.20
N SER B 74 -9.79 -16.96 37.18
CA SER B 74 -8.73 -16.99 36.19
C SER B 74 -9.26 -17.71 34.95
N ILE B 75 -8.52 -17.50 33.86
CA ILE B 75 -8.85 -18.16 32.60
C ILE B 75 -8.71 -19.67 32.78
N ALA B 76 -7.68 -20.12 33.54
CA ALA B 76 -7.49 -21.55 33.77
C ALA B 76 -8.71 -22.15 34.48
N MET B 77 -9.26 -21.43 35.45
CA MET B 77 -10.39 -21.90 36.21
C MET B 77 -11.65 -21.95 35.34
N PHE B 78 -11.90 -20.91 34.52
CA PHE B 78 -13.01 -20.89 33.60
C PHE B 78 -12.92 -22.06 32.58
N ALA B 79 -11.74 -22.36 32.09
CA ALA B 79 -11.55 -23.47 31.17
C ALA B 79 -11.85 -24.82 31.85
N SER B 80 -11.43 -24.97 33.11
CA SER B 80 -11.71 -26.17 33.89
C SER B 80 -13.21 -26.35 34.08
N ASP B 81 -13.94 -25.26 34.36
CA ASP B 81 -15.39 -25.28 34.44
C ASP B 81 -16.01 -25.78 33.13
N ALA B 82 -15.56 -25.25 31.97
CA ALA B 82 -16.11 -25.67 30.69
C ALA B 82 -15.88 -27.16 30.45
N VAL B 83 -14.69 -27.66 30.79
CA VAL B 83 -14.42 -29.08 30.60
C VAL B 83 -15.33 -29.90 31.50
N GLY B 84 -15.52 -29.47 32.74
CA GLY B 84 -16.41 -30.13 33.68
C GLY B 84 -17.86 -30.12 33.17
N LEU B 85 -18.26 -29.05 32.46
CA LEU B 85 -19.57 -29.03 31.84
C LEU B 85 -19.63 -30.08 30.73
N LEU B 86 -18.59 -30.16 29.87
CA LEU B 86 -18.63 -31.14 28.79
C LEU B 86 -18.68 -32.56 29.38
N ASP B 87 -17.99 -32.73 30.50
CA ASP B 87 -17.92 -34.04 31.14
C ASP B 87 -19.30 -34.49 31.63
N ALA B 88 -20.03 -33.56 32.23
CA ALA B 88 -21.38 -33.77 32.73
C ALA B 88 -22.34 -34.11 31.60
N LEU B 89 -22.17 -33.41 30.47
CA LEU B 89 -23.00 -33.59 29.29
C LEU B 89 -22.53 -34.83 28.52
N ASN B 90 -21.48 -35.50 28.98
CA ASN B 90 -20.96 -36.68 28.32
C ASN B 90 -20.59 -36.37 26.88
N ILE B 91 -19.96 -35.21 26.65
CA ILE B 91 -19.48 -34.82 25.31
C ILE B 91 -17.96 -34.96 25.28
N PRO B 92 -17.40 -35.95 24.55
CA PRO B 92 -15.94 -36.12 24.44
C PRO B 92 -15.22 -34.92 23.80
N ARG B 93 -15.84 -34.30 22.78
CA ARG B 93 -15.19 -33.32 21.90
C ARG B 93 -16.27 -32.35 21.40
N ALA B 94 -16.05 -31.03 21.51
CA ALA B 94 -16.99 -30.05 20.97
C ALA B 94 -16.26 -29.06 20.09
N HIS B 95 -17.02 -28.45 19.18
CA HIS B 95 -16.58 -27.24 18.51
C HIS B 95 -16.74 -26.11 19.52
N VAL B 96 -15.76 -25.24 19.63
CA VAL B 96 -15.76 -24.23 20.67
C VAL B 96 -15.59 -22.84 20.07
N PHE B 97 -16.57 -21.99 20.33
CA PHE B 97 -16.54 -20.58 19.95
C PHE B 97 -16.58 -19.72 21.20
N GLY B 98 -15.54 -18.90 21.35
CA GLY B 98 -15.44 -17.97 22.46
C GLY B 98 -15.28 -16.54 21.96
N VAL B 99 -15.99 -15.61 22.63
CA VAL B 99 -15.85 -14.18 22.34
C VAL B 99 -15.16 -13.41 23.47
N SER B 100 -14.13 -12.69 23.07
CA SER B 100 -13.39 -11.78 23.93
C SER B 100 -12.76 -12.55 25.09
N MET B 101 -13.13 -12.27 26.36
CA MET B 101 -12.62 -13.14 27.43
C MET B 101 -13.00 -14.61 27.17
N GLY B 102 -14.14 -14.87 26.54
CA GLY B 102 -14.54 -16.22 26.16
C GLY B 102 -13.55 -16.82 25.14
N GLY B 103 -12.98 -15.95 24.30
CA GLY B 103 -11.97 -16.37 23.33
C GLY B 103 -10.64 -16.66 24.04
N MET B 104 -10.40 -16.04 25.20
CA MET B 104 -9.23 -16.38 25.99
C MET B 104 -9.41 -17.78 26.60
N ILE B 105 -10.63 -18.05 27.11
CA ILE B 105 -10.99 -19.36 27.66
C ILE B 105 -10.85 -20.41 26.56
N ALA B 106 -11.25 -20.08 25.31
CA ALA B 106 -11.19 -21.02 24.20
C ALA B 106 -9.74 -21.36 23.86
N GLN B 107 -8.86 -20.33 23.90
CA GLN B 107 -7.44 -20.55 23.66
C GLN B 107 -6.85 -21.50 24.70
N GLU B 108 -7.20 -21.26 25.96
CA GLU B 108 -6.75 -22.09 27.08
C GLU B 108 -7.19 -23.55 26.94
N LEU B 109 -8.46 -23.76 26.56
CA LEU B 109 -9.00 -25.07 26.20
C LEU B 109 -8.22 -25.73 25.07
N ALA B 110 -7.96 -24.99 23.98
CA ALA B 110 -7.25 -25.56 22.84
C ALA B 110 -5.81 -26.00 23.20
N ILE B 111 -5.16 -25.32 24.13
CA ILE B 111 -3.78 -25.57 24.52
C ILE B 111 -3.69 -26.65 25.59
N HIS B 112 -4.55 -26.56 26.61
CA HIS B 112 -4.45 -27.41 27.81
C HIS B 112 -5.40 -28.62 27.79
N TYR B 113 -6.46 -28.61 26.98
CA TYR B 113 -7.42 -29.71 26.86
C TYR B 113 -7.68 -29.98 25.38
N PRO B 114 -6.63 -30.23 24.57
CA PRO B 114 -6.79 -30.35 23.12
C PRO B 114 -7.75 -31.48 22.70
N GLN B 115 -7.81 -32.53 23.49
CA GLN B 115 -8.61 -33.68 23.13
C GLN B 115 -10.11 -33.34 23.24
N ARG B 116 -10.46 -32.20 23.89
CA ARG B 116 -11.88 -31.84 24.09
C ARG B 116 -12.37 -30.86 23.02
N VAL B 117 -11.43 -30.36 22.18
CA VAL B 117 -11.74 -29.34 21.20
C VAL B 117 -11.70 -29.92 19.77
N ALA B 118 -12.86 -29.97 19.12
CA ALA B 118 -12.95 -30.52 17.78
C ALA B 118 -12.58 -29.48 16.73
N SER B 119 -13.09 -28.27 16.90
CA SER B 119 -12.70 -27.14 16.08
C SER B 119 -12.77 -25.91 16.99
N LEU B 120 -12.09 -24.84 16.58
CA LEU B 120 -11.84 -23.70 17.46
C LEU B 120 -12.18 -22.43 16.72
N ILE B 121 -13.06 -21.62 17.30
CA ILE B 121 -13.37 -20.30 16.76
C ILE B 121 -13.11 -19.23 17.81
N LEU B 122 -12.27 -18.24 17.45
CA LEU B 122 -11.85 -17.21 18.37
C LEU B 122 -12.41 -15.87 17.89
N GLY B 123 -13.33 -15.31 18.67
CA GLY B 123 -13.98 -14.06 18.31
C GLY B 123 -13.46 -12.90 19.13
N CYS B 124 -13.09 -11.81 18.45
CA CYS B 124 -12.61 -10.55 19.05
C CYS B 124 -11.74 -10.76 20.31
N THR B 125 -10.66 -11.52 20.17
CA THR B 125 -9.85 -11.87 21.33
C THR B 125 -8.37 -11.66 21.04
N THR B 126 -7.58 -12.04 22.02
CA THR B 126 -6.16 -11.72 22.06
C THR B 126 -5.44 -12.81 22.85
N PRO B 127 -4.20 -13.22 22.46
CA PRO B 127 -3.36 -14.05 23.33
C PRO B 127 -2.71 -13.33 24.50
N GLY B 128 -2.79 -11.99 24.49
CA GLY B 128 -2.12 -11.17 25.48
C GLY B 128 -0.59 -11.23 25.39
N GLY B 129 0.07 -10.53 26.32
CA GLY B 129 1.53 -10.44 26.39
C GLY B 129 2.12 -9.45 25.38
N LYS B 130 3.45 -9.49 25.24
CA LYS B 130 4.20 -8.46 24.55
C LYS B 130 4.06 -8.54 23.03
N HIS B 131 3.71 -9.72 22.51
CA HIS B 131 3.54 -9.90 21.08
C HIS B 131 2.13 -9.50 20.61
N ALA B 132 1.18 -9.42 21.53
CA ALA B 132 -0.16 -8.98 21.20
C ALA B 132 -0.17 -7.44 21.26
N VAL B 133 -1.30 -6.83 20.89
CA VAL B 133 -1.40 -5.40 20.75
C VAL B 133 -2.60 -4.95 21.56
N PRO B 134 -2.37 -4.51 22.82
CA PRO B 134 -3.46 -4.00 23.63
C PRO B 134 -3.86 -2.61 23.19
N ALA B 135 -5.12 -2.27 23.45
CA ALA B 135 -5.61 -0.90 23.38
C ALA B 135 -5.18 -0.18 24.65
N PRO B 136 -5.28 1.16 24.74
CA PRO B 136 -4.94 1.87 25.97
C PRO B 136 -5.86 1.43 27.10
N PRO B 137 -5.40 1.56 28.36
CA PRO B 137 -6.23 1.28 29.53
C PRO B 137 -7.46 2.19 29.67
N GLU B 138 -7.65 3.13 28.72
CA GLU B 138 -8.86 3.95 28.66
C GLU B 138 -10.12 3.07 28.48
N SER B 139 -10.04 2.06 27.60
CA SER B 139 -11.11 1.09 27.34
C SER B 139 -11.39 0.27 28.59
N LEU B 140 -10.33 -0.10 29.32
CA LEU B 140 -10.40 -0.86 30.55
C LEU B 140 -11.10 -0.06 31.66
N LYS B 141 -10.79 1.23 31.75
CA LYS B 141 -11.42 2.12 32.73
C LYS B 141 -12.94 2.12 32.50
N ALA B 142 -13.36 2.26 31.24
CA ALA B 142 -14.77 2.23 30.88
C ALA B 142 -15.39 0.86 31.20
N LEU B 143 -14.70 -0.24 30.85
CA LEU B 143 -15.07 -1.58 31.30
C LEU B 143 -15.32 -1.58 32.81
N LEU B 149 -22.83 2.30 37.55
CA LEU B 149 -24.10 3.04 37.27
C LEU B 149 -25.27 2.07 37.48
N THR B 150 -26.48 2.48 37.12
CA THR B 150 -27.61 1.56 37.00
C THR B 150 -27.21 0.40 36.07
N PRO B 151 -27.73 -0.82 36.28
CA PRO B 151 -27.59 -1.88 35.27
C PRO B 151 -27.89 -1.42 33.83
N GLU B 152 -29.04 -0.76 33.62
CA GLU B 152 -29.47 -0.35 32.27
C GLU B 152 -28.48 0.65 31.66
N GLU B 153 -27.94 1.55 32.49
CA GLU B 153 -26.99 2.55 32.01
C GLU B 153 -25.65 1.90 31.69
N ALA B 154 -25.25 0.86 32.44
CA ALA B 154 -24.06 0.08 32.11
C ALA B 154 -24.22 -0.61 30.76
N ILE B 155 -25.38 -1.23 30.51
CA ILE B 155 -25.69 -1.82 29.20
C ILE B 155 -25.53 -0.76 28.09
N ARG B 156 -26.14 0.41 28.30
CA ARG B 156 -26.16 1.45 27.29
C ARG B 156 -24.76 1.99 27.04
N GLU B 157 -23.98 2.12 28.12
CA GLU B 157 -22.62 2.64 28.05
C GLU B 157 -21.72 1.62 27.34
N GLY B 158 -21.98 0.33 27.60
CA GLY B 158 -21.30 -0.78 26.95
C GLY B 158 -21.49 -0.79 25.44
N TRP B 159 -22.69 -0.43 24.96
CA TRP B 159 -22.93 -0.41 23.53
C TRP B 159 -21.96 0.53 22.82
N LYS B 160 -21.60 1.65 23.46
CA LYS B 160 -20.75 2.64 22.79
C LYS B 160 -19.34 2.11 22.55
N LEU B 161 -18.88 1.12 23.33
CA LEU B 161 -17.57 0.51 23.11
C LEU B 161 -17.60 -0.61 22.06
N SER B 162 -18.80 -1.17 21.82
CA SER B 162 -19.01 -2.34 20.98
C SER B 162 -19.54 -2.01 19.60
N PHE B 163 -20.18 -0.82 19.47
CA PHE B 163 -20.86 -0.47 18.23
C PHE B 163 -20.58 0.98 17.87
N SER B 164 -20.61 1.30 16.58
CA SER B 164 -20.50 2.67 16.08
C SER B 164 -21.74 3.45 16.51
N GLU B 165 -21.62 4.78 16.64
CA GLU B 165 -22.79 5.63 16.86
C GLU B 165 -23.85 5.37 15.78
N GLU B 166 -23.45 5.21 14.50
CA GLU B 166 -24.45 5.06 13.45
C GLU B 166 -25.18 3.72 13.61
N PHE B 167 -24.47 2.67 14.04
CA PHE B 167 -25.12 1.38 14.19
C PHE B 167 -26.17 1.47 15.30
N ILE B 168 -25.79 2.11 16.40
CA ILE B 168 -26.67 2.22 17.54
C ILE B 168 -27.94 2.99 17.14
N HIS B 169 -27.79 4.04 16.33
CA HIS B 169 -28.95 4.76 15.80
C HIS B 169 -29.83 3.83 14.95
N THR B 170 -29.24 3.15 13.96
CA THR B 170 -30.02 2.46 12.94
C THR B 170 -30.58 1.16 13.52
N HIS B 171 -30.02 0.66 14.65
CA HIS B 171 -30.47 -0.61 15.23
C HIS B 171 -31.01 -0.43 16.65
N LYS B 172 -31.52 0.75 16.98
CA LYS B 172 -31.92 1.10 18.34
C LYS B 172 -32.97 0.12 18.88
N ALA B 173 -33.98 -0.19 18.07
CA ALA B 173 -35.07 -1.05 18.52
C ALA B 173 -34.53 -2.45 18.84
N GLU B 174 -33.66 -2.98 17.97
CA GLU B 174 -33.11 -4.32 18.16
C GLU B 174 -32.26 -4.39 19.45
N LEU B 175 -31.41 -3.39 19.68
CA LEU B 175 -30.57 -3.37 20.87
C LEU B 175 -31.43 -3.23 22.12
N GLU B 176 -32.40 -2.32 22.09
CA GLU B 176 -33.20 -2.05 23.28
C GLU B 176 -34.07 -3.26 23.61
N ALA B 177 -34.44 -4.06 22.60
CA ALA B 177 -35.28 -5.23 22.83
C ALA B 177 -34.60 -6.28 23.73
N HIS B 178 -33.26 -6.25 23.82
CA HIS B 178 -32.49 -7.26 24.54
CA HIS B 178 -32.50 -7.26 24.55
C HIS B 178 -32.42 -6.91 26.03
N ILE B 179 -32.78 -5.67 26.39
CA ILE B 179 -32.53 -5.18 27.75
C ILE B 179 -33.30 -6.01 28.79
N PRO B 180 -34.60 -6.31 28.65
CA PRO B 180 -35.29 -7.09 29.69
C PRO B 180 -34.54 -8.37 30.04
N ARG B 181 -34.11 -9.14 29.01
CA ARG B 181 -33.41 -10.40 29.23
C ARG B 181 -32.11 -10.21 30.00
N LEU B 182 -31.37 -9.13 29.71
CA LEU B 182 -30.10 -8.86 30.38
C LEU B 182 -30.33 -8.43 31.82
N LEU B 183 -31.38 -7.62 32.07
CA LEU B 183 -31.70 -7.13 33.41
C LEU B 183 -32.22 -8.25 34.32
N ALA B 184 -32.74 -9.34 33.76
CA ALA B 184 -33.35 -10.40 34.55
C ALA B 184 -32.32 -11.09 35.46
N GLN B 185 -31.09 -11.23 34.98
CA GLN B 185 -30.02 -11.85 35.74
C GLN B 185 -28.75 -11.00 35.74
N LEU B 186 -28.52 -10.27 36.83
CA LEU B 186 -27.43 -9.31 36.90
C LEU B 186 -26.16 -10.00 37.39
N THR B 187 -25.00 -9.65 36.83
CA THR B 187 -23.74 -9.99 37.47
C THR B 187 -23.52 -9.00 38.60
N PRO B 188 -23.32 -9.43 39.87
CA PRO B 188 -23.02 -8.49 40.96
C PRO B 188 -21.65 -7.83 40.78
N ARG B 189 -21.47 -6.63 41.33
CA ARG B 189 -20.26 -5.85 41.16
C ARG B 189 -19.02 -6.66 41.59
N PHE B 190 -19.08 -7.39 42.70
CA PHE B 190 -17.88 -8.09 43.15
C PHE B 190 -17.44 -9.12 42.09
N ALA B 191 -18.43 -9.77 41.45
CA ALA B 191 -18.20 -10.83 40.48
C ALA B 191 -17.69 -10.26 39.17
N TYR B 192 -18.25 -9.11 38.79
CA TYR B 192 -17.75 -8.39 37.63
C TYR B 192 -16.27 -8.12 37.81
N GLU B 193 -15.90 -7.66 39.02
CA GLU B 193 -14.53 -7.33 39.36
C GLU B 193 -13.62 -8.55 39.30
N ARG B 194 -14.12 -9.72 39.72
CA ARG B 194 -13.35 -10.96 39.58
C ARG B 194 -13.11 -11.31 38.09
N HIS B 195 -14.12 -11.13 37.24
CA HIS B 195 -13.96 -11.35 35.80
C HIS B 195 -12.96 -10.42 35.16
N PHE B 196 -13.06 -9.12 35.45
CA PHE B 196 -12.11 -8.15 34.97
C PHE B 196 -10.66 -8.53 35.32
N GLN B 197 -10.38 -8.95 36.56
CA GLN B 197 -9.02 -9.32 36.93
C GLN B 197 -8.61 -10.61 36.21
N ALA B 198 -9.57 -11.52 35.93
CA ALA B 198 -9.27 -12.76 35.26
C ALA B 198 -8.75 -12.54 33.83
N THR B 199 -9.19 -11.45 33.16
CA THR B 199 -8.77 -11.18 31.79
C THR B 199 -7.28 -10.99 31.69
N MET B 200 -6.64 -10.76 32.85
CA MET B 200 -5.20 -10.52 32.95
C MET B 200 -4.41 -11.77 33.33
N THR B 201 -5.03 -12.96 33.28
CA THR B 201 -4.36 -14.18 33.69
C THR B 201 -4.05 -15.09 32.51
N LEU B 202 -3.98 -14.58 31.27
CA LEU B 202 -3.65 -15.44 30.14
C LEU B 202 -2.23 -15.18 29.61
N ARG B 203 -1.46 -16.27 29.41
CA ARG B 203 -0.11 -16.28 28.88
C ARG B 203 0.02 -17.46 27.92
N VAL B 204 -0.13 -17.23 26.61
CA VAL B 204 -0.28 -18.36 25.70
C VAL B 204 0.41 -18.12 24.35
N PHE B 205 0.99 -16.93 24.11
CA PHE B 205 1.44 -16.63 22.76
C PHE B 205 2.35 -17.74 22.21
N LYS B 206 3.34 -18.18 22.99
CA LYS B 206 4.31 -19.15 22.52
C LYS B 206 3.69 -20.54 22.34
N GLN B 207 2.57 -20.80 23.02
CA GLN B 207 1.86 -22.06 22.89
C GLN B 207 0.87 -22.02 21.72
N LEU B 208 0.58 -20.85 21.11
CA LEU B 208 -0.32 -20.82 19.95
C LEU B 208 0.09 -21.80 18.85
N LYS B 209 1.38 -21.84 18.49
CA LYS B 209 1.79 -22.63 17.34
C LYS B 209 1.62 -24.15 17.57
N GLU B 210 1.35 -24.58 18.81
CA GLU B 210 1.13 -25.98 19.13
C GLU B 210 -0.33 -26.40 18.94
N ILE B 211 -1.24 -25.42 18.73
CA ILE B 211 -2.66 -25.70 18.54
C ILE B 211 -2.86 -26.45 17.21
N GLN B 212 -3.37 -27.68 17.29
CA GLN B 212 -3.62 -28.47 16.08
C GLN B 212 -5.11 -28.47 15.69
N ALA B 213 -6.00 -27.90 16.50
CA ALA B 213 -7.40 -27.87 16.14
C ALA B 213 -7.57 -27.04 14.88
N PRO B 214 -8.46 -27.41 13.92
CA PRO B 214 -8.84 -26.49 12.84
C PRO B 214 -9.47 -25.24 13.46
N THR B 215 -9.00 -24.08 13.01
CA THR B 215 -9.26 -22.81 13.68
C THR B 215 -9.80 -21.76 12.72
N LEU B 216 -10.79 -21.02 13.23
CA LEU B 216 -11.28 -19.81 12.61
C LEU B 216 -11.17 -18.65 13.60
N VAL B 217 -10.54 -17.56 13.13
CA VAL B 217 -10.37 -16.34 13.89
C VAL B 217 -11.21 -15.24 13.25
N ALA B 218 -12.07 -14.57 14.05
CA ALA B 218 -13.00 -13.58 13.52
C ALA B 218 -13.11 -12.38 14.43
N THR B 219 -13.22 -11.20 13.80
CA THR B 219 -13.45 -9.99 14.56
C THR B 219 -13.99 -8.91 13.61
N GLY B 220 -14.39 -7.80 14.22
CA GLY B 220 -14.69 -6.60 13.44
C GLY B 220 -13.45 -5.72 13.35
N ARG B 221 -13.24 -5.18 12.14
CA ARG B 221 -12.09 -4.36 11.78
C ARG B 221 -11.97 -3.19 12.76
N ASP B 222 -13.10 -2.63 13.21
CA ASP B 222 -13.08 -1.38 13.96
C ASP B 222 -13.23 -1.58 15.46
N ASP B 223 -12.82 -2.76 15.98
CA ASP B 223 -12.95 -3.05 17.41
C ASP B 223 -12.14 -2.05 18.20
N MET B 224 -12.81 -1.36 19.13
CA MET B 224 -12.22 -0.32 19.97
C MET B 224 -11.73 -0.85 21.31
N LEU B 225 -12.03 -2.12 21.64
CA LEU B 225 -11.64 -2.66 22.92
C LEU B 225 -10.42 -3.53 22.74
N ILE B 226 -10.50 -4.42 21.76
CA ILE B 226 -9.44 -5.35 21.41
C ILE B 226 -9.06 -5.08 19.96
N PRO B 227 -7.89 -4.47 19.69
CA PRO B 227 -7.53 -4.14 18.30
C PRO B 227 -7.61 -5.35 17.39
N ALA B 228 -8.17 -5.17 16.19
CA ALA B 228 -8.41 -6.28 15.29
C ALA B 228 -7.11 -6.91 14.79
N VAL B 229 -5.98 -6.21 14.88
CA VAL B 229 -4.71 -6.78 14.48
C VAL B 229 -4.38 -8.00 15.37
N ASN B 230 -4.90 -8.09 16.61
CA ASN B 230 -4.74 -9.31 17.41
C ASN B 230 -5.25 -10.56 16.72
N SER B 231 -6.33 -10.45 15.94
CA SER B 231 -6.88 -11.55 15.17
C SER B 231 -5.92 -12.00 14.07
N GLU B 232 -5.27 -11.04 13.40
CA GLU B 232 -4.31 -11.36 12.34
C GLU B 232 -3.14 -12.15 12.94
N ILE B 233 -2.68 -11.69 14.10
CA ILE B 233 -1.63 -12.33 14.89
C ILE B 233 -1.99 -13.78 15.28
N LEU B 234 -3.20 -13.97 15.81
CA LEU B 234 -3.67 -15.31 16.17
C LEU B 234 -3.70 -16.19 14.91
N ALA B 235 -4.22 -15.66 13.80
CA ALA B 235 -4.39 -16.47 12.61
C ALA B 235 -3.04 -16.88 12.01
N ARG B 236 -2.06 -15.99 12.10
CA ARG B 236 -0.72 -16.31 11.60
C ARG B 236 -0.04 -17.38 12.48
N GLU B 237 -0.19 -17.26 13.82
CA GLU B 237 0.53 -18.11 14.74
C GLU B 237 -0.02 -19.53 14.74
N ILE B 238 -1.36 -19.66 14.67
CA ILE B 238 -2.00 -20.97 14.73
C ILE B 238 -1.92 -21.62 13.37
N PRO B 239 -1.27 -22.79 13.27
CA PRO B 239 -1.08 -23.47 11.99
C PRO B 239 -2.42 -23.68 11.30
N GLY B 240 -2.52 -23.22 10.04
CA GLY B 240 -3.67 -23.50 9.20
C GLY B 240 -4.96 -22.73 9.57
N ALA B 241 -4.84 -21.77 10.49
CA ALA B 241 -5.97 -20.99 10.93
C ALA B 241 -6.52 -20.13 9.80
N GLU B 242 -7.85 -20.11 9.68
CA GLU B 242 -8.59 -19.19 8.80
C GLU B 242 -8.95 -17.90 9.55
N LEU B 243 -8.97 -16.79 8.78
CA LEU B 243 -9.27 -15.47 9.31
C LEU B 243 -10.51 -14.90 8.60
N ALA B 244 -11.36 -14.23 9.38
CA ALA B 244 -12.48 -13.47 8.84
C ALA B 244 -12.57 -12.13 9.57
N ILE B 245 -12.36 -11.03 8.84
CA ILE B 245 -12.44 -9.71 9.45
C ILE B 245 -13.57 -8.92 8.75
N PHE B 246 -14.54 -8.45 9.55
CA PHE B 246 -15.75 -7.81 9.06
C PHE B 246 -15.59 -6.30 9.11
N GLU B 247 -15.72 -5.71 7.92
CA GLU B 247 -15.69 -4.27 7.72
C GLU B 247 -16.90 -3.64 8.40
N SER B 248 -16.70 -2.42 8.89
CA SER B 248 -17.73 -1.61 9.51
C SER B 248 -18.38 -2.34 10.68
N ALA B 249 -17.55 -3.01 11.51
CA ALA B 249 -18.01 -3.72 12.70
C ALA B 249 -16.90 -3.63 13.72
N GLY B 250 -17.28 -3.69 14.99
CA GLY B 250 -16.36 -3.60 16.10
C GLY B 250 -16.43 -4.81 17.02
N HIS B 251 -16.30 -4.55 18.31
CA HIS B 251 -16.26 -5.60 19.31
C HIS B 251 -17.56 -6.40 19.28
N GLY B 252 -18.68 -5.73 18.95
CA GLY B 252 -19.97 -6.41 18.87
C GLY B 252 -20.31 -7.03 17.52
N PHE B 253 -19.31 -7.52 16.76
CA PHE B 253 -19.48 -8.06 15.40
C PHE B 253 -20.46 -9.22 15.31
N VAL B 254 -20.59 -10.05 16.37
CA VAL B 254 -21.54 -11.16 16.36
C VAL B 254 -22.96 -10.64 16.08
N THR B 255 -23.27 -9.41 16.53
CA THR B 255 -24.54 -8.71 16.27
C THR B 255 -24.43 -7.82 15.02
N SER B 256 -23.43 -6.93 14.97
CA SER B 256 -23.35 -5.92 13.92
C SER B 256 -22.93 -6.49 12.57
N ALA B 257 -22.30 -7.68 12.57
CA ALA B 257 -21.99 -8.39 11.33
C ALA B 257 -22.55 -9.80 11.36
N ARG B 258 -23.76 -9.95 11.91
CA ARG B 258 -24.37 -11.24 12.19
C ARG B 258 -24.51 -12.11 10.94
N GLU B 259 -25.08 -11.60 9.84
CA GLU B 259 -25.39 -12.46 8.70
C GLU B 259 -24.10 -12.83 7.97
N PRO B 260 -23.18 -11.89 7.71
CA PRO B 260 -21.87 -12.26 7.15
C PRO B 260 -21.08 -13.26 7.99
N PHE B 261 -21.10 -13.09 9.32
CA PHE B 261 -20.39 -14.00 10.22
C PHE B 261 -21.05 -15.37 10.24
N LEU B 262 -22.40 -15.41 10.36
CA LEU B 262 -23.08 -16.70 10.30
C LEU B 262 -22.71 -17.46 9.02
N LYS B 263 -22.56 -16.76 7.90
CA LYS B 263 -22.24 -17.43 6.64
C LYS B 263 -20.88 -18.14 6.74
N VAL B 264 -19.90 -17.38 7.25
CA VAL B 264 -18.53 -17.85 7.45
C VAL B 264 -18.49 -19.00 8.45
N LEU B 265 -19.11 -18.78 9.61
CA LEU B 265 -19.07 -19.77 10.66
C LEU B 265 -19.72 -21.07 10.18
N LYS B 266 -20.86 -20.98 9.47
CA LYS B 266 -21.57 -22.20 9.10
C LYS B 266 -20.81 -23.00 8.04
N GLU B 267 -20.08 -22.30 7.17
CA GLU B 267 -19.31 -22.90 6.09
C GLU B 267 -18.10 -23.58 6.70
N PHE B 268 -17.50 -22.93 7.69
CA PHE B 268 -16.41 -23.51 8.47
C PHE B 268 -16.87 -24.76 9.20
N LEU B 269 -17.98 -24.67 9.93
CA LEU B 269 -18.40 -25.80 10.75
C LEU B 269 -18.79 -27.00 9.89
N ALA B 270 -19.33 -26.71 8.70
CA ALA B 270 -19.82 -27.74 7.79
C ALA B 270 -18.70 -28.68 7.36
N ARG B 271 -17.46 -28.16 7.36
CA ARG B 271 -16.24 -28.92 7.06
C ARG B 271 -15.60 -29.59 8.25
N GLN B 272 -16.15 -29.45 9.47
CA GLN B 272 -15.52 -30.01 10.66
C GLN B 272 -16.31 -31.23 11.12
N SER B 273 -15.70 -32.02 12.01
CA SER B 273 -16.40 -33.14 12.64
C SER B 273 -15.89 -33.36 14.06
N VAL B 274 -16.55 -34.24 14.81
CA VAL B 274 -16.16 -34.50 16.19
C VAL B 274 -15.62 -35.95 16.28
N VAL C 1 7.92 36.62 22.68
CA VAL C 1 6.84 36.05 23.56
C VAL C 1 6.19 34.83 22.87
N PRO C 2 5.75 34.83 21.58
CA PRO C 2 5.05 33.67 21.02
C PRO C 2 5.94 32.43 20.83
N ARG C 3 5.34 31.24 21.03
CA ARG C 3 6.01 29.97 20.73
C ARG C 3 6.61 30.03 19.31
N GLY C 4 7.88 29.63 19.19
CA GLY C 4 8.57 29.66 17.90
C GLY C 4 9.41 30.93 17.66
N SER C 5 9.25 31.94 18.53
CA SER C 5 10.00 33.18 18.39
C SER C 5 11.08 33.34 19.46
N HIS C 6 11.29 32.33 20.32
CA HIS C 6 12.31 32.43 21.37
C HIS C 6 13.66 32.10 20.74
N MET C 7 14.59 33.06 20.84
CA MET C 7 15.78 33.11 20.01
C MET C 7 16.93 32.29 20.61
N LEU C 8 16.67 31.01 20.88
CA LEU C 8 17.67 30.06 21.41
C LEU C 8 18.16 29.18 20.27
N TYR C 9 19.48 28.97 20.17
CA TYR C 9 20.10 28.15 19.16
C TYR C 9 21.11 27.19 19.79
N ALA C 10 21.13 25.94 19.29
CA ALA C 10 22.13 24.95 19.61
C ALA C 10 23.00 24.70 18.39
N GLN C 11 24.31 24.66 18.61
CA GLN C 11 25.22 24.33 17.51
C GLN C 11 25.28 22.80 17.41
N VAL C 12 24.78 22.25 16.29
CA VAL C 12 24.59 20.82 16.10
C VAL C 12 24.96 20.50 14.64
N ASN C 13 25.92 19.57 14.45
CA ASN C 13 26.33 19.01 13.16
C ASN C 13 26.64 20.11 12.17
N GLY C 14 27.44 21.10 12.59
CA GLY C 14 27.94 22.14 11.71
C GLY C 14 26.90 23.20 11.35
N ILE C 15 25.72 23.16 11.99
CA ILE C 15 24.74 24.19 11.80
C ILE C 15 24.16 24.58 13.18
N ASN C 16 23.33 25.61 13.10
CA ASN C 16 22.55 26.15 14.21
C ASN C 16 21.10 25.69 14.12
N LEU C 17 20.62 25.04 15.20
CA LEU C 17 19.23 24.65 15.28
C LEU C 17 18.52 25.53 16.31
N HIS C 18 17.39 26.11 15.90
CA HIS C 18 16.51 26.81 16.82
C HIS C 18 15.73 25.80 17.67
N TYR C 19 15.68 25.98 19.00
CA TYR C 19 14.90 25.14 19.87
C TYR C 19 14.19 26.00 20.90
N GLU C 20 13.17 25.44 21.57
CA GLU C 20 12.52 26.10 22.70
C GLU C 20 12.17 25.06 23.75
N ILE C 21 12.28 25.40 25.04
CA ILE C 21 11.91 24.51 26.13
C ILE C 21 10.87 25.20 27.03
N GLU C 22 9.88 24.44 27.48
CA GLU C 22 8.87 24.96 28.38
C GLU C 22 8.46 23.84 29.33
N GLY C 23 8.19 24.20 30.60
CA GLY C 23 7.75 23.24 31.60
C GLY C 23 8.91 22.62 32.37
N GLN C 24 8.56 21.91 33.44
CA GLN C 24 9.50 21.21 34.31
C GLN C 24 9.04 19.75 34.44
N GLY C 25 10.00 18.86 34.70
CA GLY C 25 9.74 17.45 34.87
C GLY C 25 10.57 16.69 33.86
N GLN C 26 10.15 15.47 33.53
CA GLN C 26 10.94 14.58 32.69
C GLN C 26 10.95 15.14 31.27
N PRO C 27 12.08 15.06 30.57
CA PRO C 27 12.19 15.65 29.23
C PRO C 27 11.36 14.90 28.17
N LEU C 28 10.64 15.69 27.35
CA LEU C 28 9.80 15.17 26.28
C LEU C 28 10.10 15.91 24.98
N LEU C 29 10.77 15.22 24.05
CA LEU C 29 11.19 15.78 22.78
C LEU C 29 10.08 15.56 21.75
N LEU C 30 9.57 16.64 21.21
CA LEU C 30 8.56 16.62 20.16
C LEU C 30 9.25 16.84 18.81
N ILE C 31 8.98 15.95 17.84
CA ILE C 31 9.63 16.02 16.54
C ILE C 31 8.54 16.21 15.46
N MET C 32 8.70 17.27 14.66
CA MET C 32 7.70 17.65 13.67
CA MET C 32 7.72 17.67 13.66
C MET C 32 7.91 16.89 12.37
N GLY C 33 6.89 16.96 11.51
CA GLY C 33 6.87 16.33 10.21
C GLY C 33 7.40 17.22 9.07
N LEU C 34 7.15 16.78 7.83
CA LEU C 34 7.75 17.31 6.60
C LEU C 34 7.61 18.83 6.55
N GLY C 35 8.75 19.50 6.59
CA GLY C 35 8.87 20.93 6.37
C GLY C 35 8.22 21.81 7.43
N ALA C 36 7.90 21.25 8.61
CA ALA C 36 7.15 22.01 9.59
C ALA C 36 8.09 22.48 10.70
N PRO C 37 7.99 23.78 11.10
CA PRO C 37 8.75 24.30 12.22
C PRO C 37 8.01 24.06 13.54
N ALA C 38 8.73 24.32 14.65
CA ALA C 38 8.19 24.27 16.00
C ALA C 38 7.00 25.24 16.16
N ALA C 39 7.04 26.36 15.46
CA ALA C 39 5.93 27.32 15.55
C ALA C 39 4.61 26.67 15.13
N ALA C 40 4.65 25.58 14.37
CA ALA C 40 3.45 24.95 13.84
C ALA C 40 2.80 23.95 14.80
N TRP C 41 3.42 23.64 15.97
CA TRP C 41 2.77 22.76 16.92
C TRP C 41 1.41 23.33 17.35
N ASP C 42 0.40 22.46 17.51
CA ASP C 42 -0.87 22.85 18.12
C ASP C 42 -0.61 23.45 19.52
N PRO C 43 -0.97 24.73 19.79
CA PRO C 43 -0.64 25.41 21.05
C PRO C 43 -1.24 24.82 22.32
N ILE C 44 -2.47 24.31 22.26
CA ILE C 44 -3.13 23.76 23.44
C ILE C 44 -2.50 22.41 23.78
N PHE C 45 -2.14 21.64 22.74
CA PHE C 45 -1.44 20.37 22.94
C PHE C 45 -0.15 20.58 23.75
N VAL C 46 0.69 21.48 23.26
CA VAL C 46 1.98 21.71 23.87
C VAL C 46 1.80 22.30 25.28
N GLN C 47 0.96 23.34 25.38
CA GLN C 47 0.67 23.98 26.67
C GLN C 47 0.29 22.95 27.74
N THR C 48 -0.66 22.07 27.44
CA THR C 48 -1.06 21.02 28.35
C THR C 48 0.10 20.15 28.81
N LEU C 49 0.96 19.75 27.87
CA LEU C 49 2.04 18.84 28.21
C LEU C 49 3.04 19.50 29.15
N THR C 50 3.20 20.83 29.05
CA THR C 50 4.21 21.55 29.83
C THR C 50 3.85 21.54 31.31
N LYS C 51 2.61 21.17 31.65
CA LYS C 51 2.17 21.09 33.03
C LYS C 51 2.82 19.91 33.75
N THR C 52 3.26 18.88 33.02
CA THR C 52 3.76 17.66 33.65
C THR C 52 5.21 17.36 33.24
N HIS C 53 5.63 17.89 32.07
CA HIS C 53 6.86 17.51 31.40
C HIS C 53 7.67 18.73 31.02
N GLN C 54 9.00 18.58 30.93
CA GLN C 54 9.87 19.53 30.26
C GLN C 54 9.78 19.31 28.75
N VAL C 55 9.00 20.14 28.05
CA VAL C 55 8.76 19.92 26.63
C VAL C 55 9.81 20.64 25.80
N ILE C 56 10.42 19.88 24.88
CA ILE C 56 11.45 20.42 23.99
C ILE C 56 10.90 20.38 22.56
N ILE C 57 10.79 21.56 21.91
CA ILE C 57 10.42 21.65 20.52
C ILE C 57 11.60 22.27 19.77
N TYR C 58 11.62 22.06 18.44
CA TYR C 58 12.73 22.60 17.65
C TYR C 58 12.41 22.63 16.16
N ASP C 59 13.22 23.39 15.43
CA ASP C 59 13.10 23.45 13.97
C ASP C 59 14.12 22.51 13.36
N ASN C 60 13.63 21.47 12.67
CA ASN C 60 14.51 20.70 11.81
C ASN C 60 15.24 21.62 10.86
N ARG C 61 16.44 21.23 10.44
CA ARG C 61 17.14 21.99 9.42
C ARG C 61 16.24 22.13 8.18
N GLY C 62 16.26 23.31 7.56
CA GLY C 62 15.43 23.66 6.42
C GLY C 62 14.14 24.38 6.80
N THR C 63 13.82 24.47 8.12
CA THR C 63 12.57 25.05 8.55
C THR C 63 12.79 26.16 9.60
N GLY C 64 11.73 26.96 9.80
CA GLY C 64 11.64 27.91 10.90
C GLY C 64 12.84 28.85 10.95
N LEU C 65 13.47 28.97 12.13
CA LEU C 65 14.65 29.82 12.32
C LEU C 65 15.93 28.97 12.26
N SER C 66 15.88 27.67 11.97
CA SER C 66 17.10 26.89 11.84
C SER C 66 17.84 27.19 10.53
N ASP C 67 19.14 26.85 10.48
CA ASP C 67 19.89 26.91 9.24
C ASP C 67 19.21 26.01 8.19
N LYS C 68 19.38 26.38 6.92
CA LYS C 68 18.73 25.69 5.81
C LYS C 68 19.76 25.37 4.73
N PRO C 69 20.75 24.47 4.99
CA PRO C 69 21.76 24.13 3.99
C PRO C 69 21.16 23.39 2.80
N ASP C 70 21.65 23.68 1.59
CA ASP C 70 21.09 23.07 0.39
C ASP C 70 21.93 21.84 0.05
N MET C 71 21.52 20.70 0.60
CA MET C 71 22.25 19.45 0.52
C MET C 71 21.24 18.32 0.75
N PRO C 72 21.56 17.06 0.34
CA PRO C 72 20.62 15.95 0.56
C PRO C 72 20.35 15.80 2.06
N TYR C 73 19.06 15.78 2.43
CA TYR C 73 18.62 15.44 3.78
C TYR C 73 18.19 13.97 3.84
N SER C 74 18.37 13.35 5.01
CA SER C 74 17.97 11.98 5.23
C SER C 74 17.38 11.86 6.63
N ILE C 75 16.64 10.76 6.86
CA ILE C 75 16.14 10.45 8.20
C ILE C 75 17.32 10.29 9.17
N ALA C 76 18.35 9.52 8.77
CA ALA C 76 19.54 9.34 9.59
C ALA C 76 20.12 10.68 10.05
N MET C 77 20.22 11.65 9.12
CA MET C 77 20.76 12.97 9.42
C MET C 77 19.85 13.75 10.39
N PHE C 78 18.54 13.69 10.17
CA PHE C 78 17.62 14.33 11.11
C PHE C 78 17.73 13.70 12.50
N ALA C 79 17.92 12.39 12.56
CA ALA C 79 18.05 11.74 13.86
C ALA C 79 19.34 12.15 14.57
N SER C 80 20.44 12.17 13.81
CA SER C 80 21.70 12.69 14.33
C SER C 80 21.54 14.13 14.84
N ASP C 81 20.77 14.98 14.13
CA ASP C 81 20.49 16.33 14.59
C ASP C 81 19.74 16.32 15.95
N ALA C 82 18.72 15.44 16.10
CA ALA C 82 17.97 15.35 17.35
C ALA C 82 18.87 14.96 18.53
N VAL C 83 19.72 13.97 18.32
CA VAL C 83 20.68 13.54 19.35
C VAL C 83 21.66 14.67 19.67
N GLY C 84 22.13 15.36 18.65
CA GLY C 84 23.04 16.49 18.79
C GLY C 84 22.42 17.61 19.62
N LEU C 85 21.09 17.79 19.45
CA LEU C 85 20.35 18.75 20.25
C LEU C 85 20.28 18.30 21.72
N LEU C 86 19.91 17.05 21.96
CA LEU C 86 19.83 16.54 23.31
C LEU C 86 21.19 16.65 24.01
N ASP C 87 22.27 16.37 23.29
CA ASP C 87 23.63 16.46 23.81
C ASP C 87 23.94 17.91 24.19
N ALA C 88 23.70 18.85 23.27
CA ALA C 88 23.86 20.26 23.57
C ALA C 88 23.03 20.71 24.77
N LEU C 89 21.83 20.16 24.99
CA LEU C 89 20.99 20.50 26.14
C LEU C 89 21.38 19.72 27.40
N ASN C 90 22.37 18.82 27.32
CA ASN C 90 22.76 17.98 28.42
C ASN C 90 21.56 17.16 28.90
N ILE C 91 20.85 16.51 27.97
CA ILE C 91 19.77 15.60 28.29
C ILE C 91 20.20 14.22 27.81
N PRO C 92 20.58 13.31 28.74
CA PRO C 92 21.04 11.98 28.32
C PRO C 92 19.94 11.07 27.75
N ARG C 93 18.69 11.28 28.15
CA ARG C 93 17.61 10.38 27.77
C ARG C 93 16.29 11.16 27.79
N ALA C 94 15.45 11.00 26.75
CA ALA C 94 14.18 11.73 26.66
C ALA C 94 13.07 10.78 26.17
N HIS C 95 11.86 11.11 26.60
CA HIS C 95 10.66 10.59 25.95
C HIS C 95 10.58 11.26 24.59
N VAL C 96 10.21 10.52 23.55
CA VAL C 96 10.24 11.07 22.20
C VAL C 96 8.87 10.84 21.54
N PHE C 97 8.23 11.96 21.16
CA PHE C 97 7.05 11.92 20.28
C PHE C 97 7.35 12.54 18.92
N GLY C 98 7.16 11.75 17.85
CA GLY C 98 7.28 12.23 16.48
C GLY C 98 5.97 12.00 15.71
N VAL C 99 5.60 13.04 14.95
CA VAL C 99 4.47 12.94 14.02
C VAL C 99 4.96 12.85 12.57
N SER C 100 4.38 11.86 11.88
CA SER C 100 4.58 11.66 10.46
C SER C 100 6.06 11.51 10.13
N MET C 101 6.66 12.37 9.31
CA MET C 101 8.10 12.24 9.09
C MET C 101 8.86 12.34 10.43
N GLY C 102 8.33 13.09 11.39
CA GLY C 102 8.88 13.10 12.74
C GLY C 102 8.82 11.74 13.42
N GLY C 103 7.81 10.94 13.05
CA GLY C 103 7.70 9.60 13.57
C GLY C 103 8.70 8.62 12.96
N MET C 104 9.10 8.91 11.72
CA MET C 104 10.20 8.23 11.06
C MET C 104 11.51 8.55 11.77
N ILE C 105 11.70 9.85 12.08
CA ILE C 105 12.88 10.23 12.85
C ILE C 105 12.88 9.50 14.20
N ALA C 106 11.71 9.45 14.84
CA ALA C 106 11.59 8.79 16.13
C ALA C 106 11.97 7.29 16.07
N GLN C 107 11.49 6.58 15.04
CA GLN C 107 11.87 5.19 14.83
C GLN C 107 13.38 5.04 14.70
N GLU C 108 13.97 5.87 13.86
CA GLU C 108 15.42 5.84 13.63
C GLU C 108 16.17 6.02 14.94
N LEU C 109 15.73 6.97 15.78
CA LEU C 109 16.29 7.17 17.10
C LEU C 109 16.15 5.94 17.99
N ALA C 110 14.95 5.31 17.98
CA ALA C 110 14.72 4.17 18.86
C ALA C 110 15.61 3.02 18.43
N ILE C 111 15.87 2.89 17.13
CA ILE C 111 16.69 1.79 16.63
C ILE C 111 18.18 2.08 16.81
N HIS C 112 18.65 3.27 16.42
CA HIS C 112 20.08 3.51 16.26
C HIS C 112 20.66 4.24 17.48
N TYR C 113 19.78 4.79 18.33
CA TYR C 113 20.23 5.49 19.53
C TYR C 113 19.38 5.08 20.74
N PRO C 114 19.22 3.76 20.99
CA PRO C 114 18.29 3.28 21.99
C PRO C 114 18.59 3.82 23.39
N GLN C 115 19.87 4.11 23.68
CA GLN C 115 20.25 4.60 25.01
C GLN C 115 19.69 6.01 25.26
N ARG C 116 19.36 6.75 24.19
CA ARG C 116 18.87 8.12 24.35
C ARG C 116 17.34 8.23 24.44
N VAL C 117 16.63 7.12 24.19
CA VAL C 117 15.16 7.13 24.15
C VAL C 117 14.60 6.45 25.40
N ALA C 118 13.83 7.20 26.20
CA ALA C 118 13.22 6.65 27.40
C ALA C 118 11.88 5.97 27.07
N SER C 119 11.01 6.67 26.37
CA SER C 119 9.79 6.07 25.87
C SER C 119 9.52 6.66 24.48
N LEU C 120 8.64 6.01 23.70
CA LEU C 120 8.52 6.31 22.28
C LEU C 120 7.03 6.40 21.91
N ILE C 121 6.69 7.49 21.25
CA ILE C 121 5.33 7.72 20.78
C ILE C 121 5.41 8.08 19.30
N LEU C 122 4.76 7.23 18.49
CA LEU C 122 4.80 7.32 17.02
C LEU C 122 3.43 7.72 16.52
N GLY C 123 3.31 8.97 16.06
CA GLY C 123 2.05 9.54 15.62
C GLY C 123 1.96 9.56 14.09
N CYS C 124 0.81 9.08 13.60
CA CYS C 124 0.48 9.07 12.19
C CYS C 124 1.71 8.80 11.33
N THR C 125 2.36 7.65 11.50
CA THR C 125 3.60 7.39 10.78
C THR C 125 3.62 5.96 10.23
N THR C 126 4.78 5.60 9.69
CA THR C 126 4.93 4.43 8.85
C THR C 126 6.39 3.96 8.93
N PRO C 127 6.69 2.64 8.85
CA PRO C 127 8.10 2.24 8.74
C PRO C 127 8.69 2.42 7.33
N GLY C 128 7.84 2.79 6.37
CA GLY C 128 8.24 2.89 4.97
C GLY C 128 8.63 1.52 4.40
N GLY C 129 9.12 1.52 3.16
CA GLY C 129 9.64 0.30 2.54
C GLY C 129 8.50 -0.47 1.87
N LYS C 130 8.85 -1.63 1.28
CA LYS C 130 7.91 -2.42 0.52
C LYS C 130 6.90 -3.18 1.40
N HIS C 131 7.12 -3.29 2.71
CA HIS C 131 6.17 -3.87 3.65
C HIS C 131 5.09 -2.90 4.14
N ALA C 132 5.36 -1.61 3.99
CA ALA C 132 4.44 -0.55 4.37
C ALA C 132 3.33 -0.38 3.34
N VAL C 133 2.27 0.29 3.75
CA VAL C 133 1.16 0.56 2.86
C VAL C 133 1.32 2.01 2.41
N PRO C 134 1.52 2.26 1.11
CA PRO C 134 1.91 3.59 0.66
C PRO C 134 0.76 4.60 0.75
N ALA C 135 1.15 5.87 0.83
CA ALA C 135 0.26 6.99 0.67
C ALA C 135 -0.56 6.84 -0.62
N PRO C 136 -1.88 7.07 -0.60
CA PRO C 136 -2.64 7.19 -1.84
C PRO C 136 -1.94 8.19 -2.78
N PRO C 137 -1.74 7.86 -4.07
CA PRO C 137 -0.99 8.70 -5.01
C PRO C 137 -1.44 10.14 -5.12
N GLU C 138 -2.76 10.35 -5.04
CA GLU C 138 -3.34 11.68 -5.12
C GLU C 138 -2.98 12.50 -3.87
N SER C 139 -2.89 11.85 -2.71
CA SER C 139 -2.48 12.51 -1.49
C SER C 139 -1.00 12.86 -1.53
N LEU C 140 -0.18 11.93 -2.01
CA LEU C 140 1.26 12.11 -2.08
C LEU C 140 1.59 13.22 -3.09
N LYS C 141 0.84 13.26 -4.19
CA LYS C 141 1.02 14.33 -5.16
C LYS C 141 0.69 15.69 -4.55
N ALA C 142 -0.38 15.76 -3.74
CA ALA C 142 -0.80 17.01 -3.12
C ALA C 142 0.23 17.45 -2.07
N LEU C 143 0.82 16.48 -1.37
CA LEU C 143 1.86 16.73 -0.38
C LEU C 143 3.12 17.25 -1.07
N GLU C 144 3.56 16.58 -2.13
CA GLU C 144 4.73 17.07 -2.83
C GLU C 144 4.49 18.48 -3.39
N GLY C 145 3.29 18.72 -3.93
CA GLY C 145 2.97 19.94 -4.67
C GLY C 145 2.94 21.18 -3.78
N ARG C 146 2.93 21.01 -2.44
CA ARG C 146 2.86 22.14 -1.51
C ARG C 146 4.09 23.04 -1.65
N ALA C 147 5.22 22.48 -2.07
CA ALA C 147 6.45 23.19 -2.40
C ALA C 147 6.22 24.32 -3.40
N GLY C 148 5.23 24.18 -4.28
CA GLY C 148 5.07 25.09 -5.39
C GLY C 148 3.88 26.03 -5.21
N LEU C 149 3.23 25.96 -4.04
CA LEU C 149 2.04 26.74 -3.77
C LEU C 149 2.42 28.03 -3.02
N THR C 150 1.51 29.00 -3.06
CA THR C 150 1.51 30.18 -2.20
C THR C 150 1.52 29.80 -0.73
N PRO C 151 2.18 30.58 0.16
CA PRO C 151 2.26 30.25 1.58
C PRO C 151 0.91 29.92 2.20
N GLU C 152 -0.08 30.82 2.01
CA GLU C 152 -1.42 30.59 2.54
C GLU C 152 -2.07 29.36 1.90
N GLU C 153 -1.85 29.11 0.61
CA GLU C 153 -2.54 28.00 -0.03
C GLU C 153 -1.87 26.69 0.42
N ALA C 154 -0.55 26.68 0.65
CA ALA C 154 0.14 25.52 1.18
C ALA C 154 -0.44 25.14 2.54
N ILE C 155 -0.78 26.16 3.36
CA ILE C 155 -1.40 25.89 4.65
C ILE C 155 -2.77 25.25 4.46
N ARG C 156 -3.60 25.84 3.59
CA ARG C 156 -4.98 25.36 3.43
C ARG C 156 -5.01 23.96 2.79
N GLU C 157 -4.03 23.69 1.92
CA GLU C 157 -3.91 22.37 1.30
C GLU C 157 -3.51 21.34 2.35
N GLY C 158 -2.62 21.74 3.29
CA GLY C 158 -2.25 20.91 4.44
C GLY C 158 -3.48 20.47 5.24
N TRP C 159 -4.43 21.38 5.44
CA TRP C 159 -5.65 21.11 6.17
C TRP C 159 -6.44 20.01 5.48
N LYS C 160 -6.51 20.09 4.15
CA LYS C 160 -7.30 19.18 3.34
C LYS C 160 -6.73 17.76 3.46
N LEU C 161 -5.41 17.63 3.67
CA LEU C 161 -4.78 16.32 3.86
C LEU C 161 -4.98 15.82 5.28
N SER C 162 -5.19 16.73 6.25
CA SER C 162 -5.09 16.43 7.68
C SER C 162 -6.44 16.32 8.36
N PHE C 163 -7.47 16.94 7.76
CA PHE C 163 -8.77 17.10 8.37
C PHE C 163 -9.87 16.80 7.36
N SER C 164 -11.04 16.40 7.86
CA SER C 164 -12.21 16.17 7.03
C SER C 164 -12.79 17.53 6.61
N GLU C 165 -13.60 17.52 5.55
CA GLU C 165 -14.27 18.74 5.10
C GLU C 165 -15.15 19.27 6.23
N GLU C 166 -15.88 18.37 6.92
CA GLU C 166 -16.74 18.74 8.02
C GLU C 166 -15.95 19.41 9.16
N PHE C 167 -14.79 18.82 9.55
CA PHE C 167 -13.98 19.41 10.61
C PHE C 167 -13.53 20.79 10.19
N ILE C 168 -13.08 20.90 8.93
CA ILE C 168 -12.54 22.18 8.45
C ILE C 168 -13.67 23.21 8.51
N HIS C 169 -14.87 22.82 8.01
CA HIS C 169 -16.02 23.70 7.99
C HIS C 169 -16.34 24.15 9.42
N THR C 170 -16.42 23.20 10.35
CA THR C 170 -16.76 23.45 11.75
C THR C 170 -15.70 24.28 12.47
N HIS C 171 -14.41 24.07 12.19
CA HIS C 171 -13.35 24.72 12.96
C HIS C 171 -12.61 25.79 12.14
N LYS C 172 -13.26 26.29 11.08
CA LYS C 172 -12.64 27.21 10.13
C LYS C 172 -11.91 28.35 10.84
N ALA C 173 -12.53 28.92 11.89
CA ALA C 173 -12.02 30.12 12.55
C ALA C 173 -10.75 29.82 13.34
N GLU C 174 -10.76 28.74 14.13
CA GLU C 174 -9.58 28.28 14.85
C GLU C 174 -8.43 28.06 13.87
N LEU C 175 -8.72 27.42 12.72
CA LEU C 175 -7.67 27.11 11.77
C LEU C 175 -7.12 28.38 11.12
N GLU C 176 -8.02 29.25 10.65
CA GLU C 176 -7.62 30.46 9.93
C GLU C 176 -6.88 31.42 10.87
N ALA C 177 -7.21 31.36 12.17
CA ALA C 177 -6.60 32.21 13.18
C ALA C 177 -5.11 31.96 13.30
N HIS C 178 -4.64 30.76 12.96
CA HIS C 178 -3.25 30.41 13.11
C HIS C 178 -2.42 30.80 11.88
N ILE C 179 -3.04 31.24 10.78
CA ILE C 179 -2.30 31.45 9.53
C ILE C 179 -1.20 32.48 9.70
N PRO C 180 -1.47 33.65 10.30
CA PRO C 180 -0.44 34.69 10.40
C PRO C 180 0.82 34.20 11.09
N ARG C 181 0.66 33.44 12.18
CA ARG C 181 1.80 32.85 12.86
C ARG C 181 2.55 31.87 11.94
N LEU C 182 1.80 31.03 11.20
CA LEU C 182 2.42 30.09 10.26
C LEU C 182 3.15 30.82 9.13
N LEU C 183 2.65 32.00 8.71
CA LEU C 183 3.24 32.77 7.61
C LEU C 183 4.56 33.42 8.01
N ALA C 184 4.78 33.56 9.33
CA ALA C 184 5.94 34.26 9.86
C ALA C 184 7.22 33.47 9.62
N GLN C 185 7.15 32.13 9.61
CA GLN C 185 8.35 31.30 9.46
C GLN C 185 8.14 30.26 8.36
N LEU C 186 8.47 30.65 7.13
CA LEU C 186 8.19 29.81 5.98
C LEU C 186 9.37 28.88 5.73
N THR C 187 9.05 27.67 5.28
CA THR C 187 10.05 26.76 4.79
C THR C 187 10.22 27.09 3.30
N PRO C 188 11.44 27.38 2.82
CA PRO C 188 11.66 27.62 1.39
C PRO C 188 11.38 26.39 0.54
N ARG C 189 10.92 26.61 -0.71
CA ARG C 189 10.65 25.51 -1.64
C ARG C 189 11.79 24.49 -1.67
N PHE C 190 13.04 24.93 -1.86
CA PHE C 190 14.15 24.00 -1.97
C PHE C 190 14.20 23.06 -0.74
N ALA C 191 13.95 23.62 0.47
CA ALA C 191 14.03 22.84 1.70
C ALA C 191 12.84 21.87 1.83
N TYR C 192 11.64 22.34 1.46
CA TYR C 192 10.48 21.45 1.45
C TYR C 192 10.77 20.25 0.56
N GLU C 193 11.38 20.48 -0.61
CA GLU C 193 11.70 19.40 -1.54
C GLU C 193 12.74 18.43 -0.97
N ARG C 194 13.72 18.96 -0.22
CA ARG C 194 14.70 18.08 0.43
C ARG C 194 13.99 17.25 1.51
N HIS C 195 13.06 17.86 2.25
CA HIS C 195 12.31 17.11 3.26
C HIS C 195 11.50 15.99 2.60
N PHE C 196 10.89 16.31 1.45
CA PHE C 196 10.10 15.31 0.75
C PHE C 196 10.97 14.13 0.32
N GLN C 197 12.16 14.37 -0.24
CA GLN C 197 13.06 13.27 -0.59
C GLN C 197 13.51 12.51 0.67
N ALA C 198 13.71 13.19 1.81
CA ALA C 198 14.13 12.52 3.03
C ALA C 198 13.08 11.49 3.51
N THR C 199 11.77 11.72 3.29
CA THR C 199 10.72 10.80 3.74
C THR C 199 10.92 9.41 3.14
N MET C 200 11.73 9.33 2.08
CA MET C 200 11.92 8.08 1.37
C MET C 200 13.20 7.35 1.80
N THR C 201 13.89 7.83 2.87
CA THR C 201 15.20 7.31 3.24
C THR C 201 15.15 6.42 4.48
N LEU C 202 13.94 6.02 4.94
CA LEU C 202 13.85 5.20 6.13
C LEU C 202 13.88 3.70 5.76
N ARG C 203 14.82 2.97 6.38
CA ARG C 203 14.97 1.52 6.23
C ARG C 203 14.99 0.90 7.63
N VAL C 204 13.83 0.40 8.13
CA VAL C 204 13.73 0.02 9.54
C VAL C 204 12.81 -1.18 9.80
N PHE C 205 11.98 -1.59 8.83
CA PHE C 205 10.96 -2.59 9.10
C PHE C 205 11.52 -3.79 9.88
N LYS C 206 12.66 -4.34 9.41
CA LYS C 206 13.18 -5.55 10.02
C LYS C 206 13.73 -5.25 11.41
N GLN C 207 14.07 -3.97 11.67
CA GLN C 207 14.68 -3.56 12.93
C GLN C 207 13.62 -3.14 13.97
N LEU C 208 12.35 -2.98 13.55
CA LEU C 208 11.29 -2.60 14.49
C LEU C 208 11.24 -3.55 15.69
N LYS C 209 11.36 -4.86 15.43
CA LYS C 209 11.20 -5.84 16.50
C LYS C 209 12.30 -5.75 17.55
N GLU C 210 13.40 -5.04 17.23
CA GLU C 210 14.51 -4.85 18.18
C GLU C 210 14.33 -3.61 19.06
N ILE C 211 13.25 -2.82 18.85
CA ILE C 211 13.07 -1.63 19.68
C ILE C 211 12.75 -2.07 21.10
N GLN C 212 13.44 -1.46 22.07
CA GLN C 212 13.34 -1.80 23.48
C GLN C 212 12.51 -0.75 24.22
N ALA C 213 12.41 0.46 23.67
CA ALA C 213 11.64 1.49 24.35
C ALA C 213 10.18 1.05 24.51
N PRO C 214 9.57 1.34 25.67
CA PRO C 214 8.12 1.31 25.81
C PRO C 214 7.51 2.30 24.80
N THR C 215 6.48 1.83 24.07
CA THR C 215 6.03 2.49 22.85
C THR C 215 4.50 2.60 22.87
N LEU C 216 4.05 3.77 22.41
CA LEU C 216 2.67 4.01 22.07
C LEU C 216 2.60 4.47 20.60
N VAL C 217 1.72 3.84 19.82
CA VAL C 217 1.48 4.14 18.43
C VAL C 217 0.07 4.71 18.34
N ALA C 218 -0.03 5.92 17.80
CA ALA C 218 -1.29 6.66 17.75
C ALA C 218 -1.51 7.29 16.37
N THR C 219 -2.77 7.25 15.90
CA THR C 219 -3.14 7.92 14.66
C THR C 219 -4.65 8.10 14.61
N GLY C 220 -5.09 8.83 13.57
CA GLY C 220 -6.50 8.94 13.22
C GLY C 220 -6.91 7.86 12.21
N ARG C 221 -8.00 7.16 12.50
CA ARG C 221 -8.47 6.07 11.65
C ARG C 221 -8.56 6.51 10.17
N ASP C 222 -8.99 7.76 9.94
CA ASP C 222 -9.36 8.22 8.61
C ASP C 222 -8.25 9.06 7.99
N ASP C 223 -7.00 8.82 8.38
CA ASP C 223 -5.85 9.47 7.81
C ASP C 223 -5.82 9.25 6.28
N MET C 224 -5.77 10.36 5.55
CA MET C 224 -5.91 10.34 4.09
C MET C 224 -4.55 10.36 3.45
N LEU C 225 -3.49 10.59 4.24
CA LEU C 225 -2.13 10.66 3.73
C LEU C 225 -1.35 9.38 4.01
N ILE C 226 -1.28 9.00 5.30
CA ILE C 226 -0.57 7.81 5.76
C ILE C 226 -1.64 6.81 6.19
N PRO C 227 -1.89 5.70 5.44
CA PRO C 227 -2.95 4.76 5.83
C PRO C 227 -2.74 4.30 7.28
N ALA C 228 -3.82 4.32 8.05
CA ALA C 228 -3.76 4.02 9.47
C ALA C 228 -3.35 2.57 9.73
N VAL C 229 -3.52 1.68 8.74
CA VAL C 229 -2.97 0.34 8.85
C VAL C 229 -1.46 0.35 9.16
N ASN C 230 -0.73 1.42 8.77
CA ASN C 230 0.70 1.43 9.07
C ASN C 230 0.96 1.47 10.58
N SER C 231 0.05 2.06 11.34
CA SER C 231 0.10 2.08 12.80
C SER C 231 -0.09 0.68 13.39
N GLU C 232 -0.96 -0.12 12.78
CA GLU C 232 -1.14 -1.52 13.15
C GLU C 232 0.11 -2.33 12.84
N ILE C 233 0.80 -2.04 11.74
CA ILE C 233 2.06 -2.72 11.45
C ILE C 233 3.09 -2.36 12.55
N LEU C 234 3.24 -1.08 12.86
CA LEU C 234 4.21 -0.67 13.86
C LEU C 234 3.93 -1.34 15.21
N ALA C 235 2.68 -1.27 15.69
CA ALA C 235 2.30 -1.82 16.98
C ALA C 235 2.50 -3.33 17.03
N ARG C 236 2.22 -4.04 15.92
CA ARG C 236 2.41 -5.47 15.80
C ARG C 236 3.89 -5.84 15.97
N GLU C 237 4.78 -5.10 15.29
CA GLU C 237 6.19 -5.44 15.19
C GLU C 237 6.97 -5.05 16.45
N ILE C 238 6.60 -3.93 17.10
CA ILE C 238 7.35 -3.47 18.27
C ILE C 238 6.87 -4.20 19.54
N PRO C 239 7.77 -4.97 20.22
CA PRO C 239 7.35 -5.68 21.43
C PRO C 239 6.77 -4.74 22.48
N GLY C 240 5.61 -5.11 23.01
CA GLY C 240 4.98 -4.39 24.11
C GLY C 240 4.23 -3.13 23.68
N ALA C 241 4.30 -2.74 22.39
CA ALA C 241 3.66 -1.50 21.94
C ALA C 241 2.15 -1.51 22.24
N GLU C 242 1.64 -0.32 22.58
CA GLU C 242 0.23 -0.01 22.74
C GLU C 242 -0.26 0.73 21.49
N LEU C 243 -1.54 0.55 21.11
CA LEU C 243 -2.10 1.16 19.89
C LEU C 243 -3.35 1.98 20.21
N ALA C 244 -3.34 3.26 19.82
CA ALA C 244 -4.50 4.13 19.95
C ALA C 244 -4.89 4.69 18.59
N ILE C 245 -6.04 4.23 18.03
CA ILE C 245 -6.57 4.71 16.77
C ILE C 245 -7.84 5.49 17.08
N PHE C 246 -7.84 6.78 16.77
CA PHE C 246 -8.93 7.67 17.11
C PHE C 246 -9.94 7.70 15.95
N GLU C 247 -11.20 7.38 16.25
CA GLU C 247 -12.31 7.50 15.32
C GLU C 247 -12.54 8.97 14.98
N SER C 248 -13.00 9.20 13.75
CA SER C 248 -13.41 10.53 13.30
C SER C 248 -12.26 11.50 13.39
N ALA C 249 -11.08 11.04 12.91
CA ALA C 249 -9.87 11.83 12.89
C ALA C 249 -8.91 11.25 11.86
N GLY C 250 -8.05 12.11 11.33
CA GLY C 250 -7.12 11.75 10.29
C GLY C 250 -5.70 12.09 10.68
N HIS C 251 -4.97 12.60 9.67
CA HIS C 251 -3.56 12.90 9.85
C HIS C 251 -3.36 13.92 10.97
N GLY C 252 -4.29 14.89 11.10
CA GLY C 252 -4.19 15.94 12.10
C GLY C 252 -4.78 15.57 13.46
N PHE C 253 -4.76 14.30 13.85
CA PHE C 253 -5.43 13.84 15.06
C PHE C 253 -4.93 14.54 16.32
N VAL C 254 -3.70 15.07 16.33
CA VAL C 254 -3.21 15.83 17.48
C VAL C 254 -4.14 17.02 17.76
N THR C 255 -4.69 17.61 16.69
CA THR C 255 -5.65 18.71 16.76
C THR C 255 -7.08 18.20 16.81
N SER C 256 -7.47 17.31 15.90
CA SER C 256 -8.86 16.95 15.76
C SER C 256 -9.30 15.92 16.81
N ALA C 257 -8.36 15.20 17.44
CA ALA C 257 -8.67 14.35 18.60
C ALA C 257 -7.77 14.75 19.78
N ARG C 258 -7.65 16.06 19.99
CA ARG C 258 -6.71 16.57 20.98
C ARG C 258 -7.01 16.03 22.38
N GLU C 259 -8.27 16.13 22.83
CA GLU C 259 -8.55 15.77 24.22
C GLU C 259 -8.46 14.26 24.41
N PRO C 260 -9.05 13.41 23.53
CA PRO C 260 -8.87 11.98 23.66
C PRO C 260 -7.38 11.58 23.60
N PHE C 261 -6.60 12.26 22.75
CA PHE C 261 -5.20 11.89 22.59
C PHE C 261 -4.40 12.36 23.81
N LEU C 262 -4.59 13.59 24.30
CA LEU C 262 -3.88 14.01 25.51
C LEU C 262 -4.12 13.03 26.66
N LYS C 263 -5.37 12.56 26.79
CA LYS C 263 -5.73 11.63 27.85
C LYS C 263 -4.90 10.36 27.73
N VAL C 264 -4.82 9.81 26.51
CA VAL C 264 -4.04 8.60 26.26
C VAL C 264 -2.55 8.83 26.51
N LEU C 265 -2.03 9.94 25.98
CA LEU C 265 -0.61 10.23 26.02
C LEU C 265 -0.18 10.45 27.47
N LYS C 266 -0.99 11.19 28.24
CA LYS C 266 -0.65 11.50 29.63
C LYS C 266 -0.67 10.24 30.48
N GLU C 267 -1.66 9.33 30.29
CA GLU C 267 -1.74 8.05 31.00
C GLU C 267 -0.51 7.20 30.66
N PHE C 268 -0.06 7.20 29.41
CA PHE C 268 1.10 6.41 29.01
C PHE C 268 2.38 6.96 29.65
N LEU C 269 2.55 8.29 29.56
CA LEU C 269 3.75 8.94 30.06
C LEU C 269 3.83 8.86 31.60
N ALA C 270 2.70 8.81 32.31
CA ALA C 270 2.75 8.69 33.76
C ALA C 270 3.28 7.29 34.17
N ARG C 271 3.30 6.31 33.26
CA ARG C 271 3.90 5.02 33.60
C ARG C 271 5.39 4.95 33.24
N GLN C 272 5.95 6.00 32.65
CA GLN C 272 7.30 5.95 32.12
C GLN C 272 8.25 6.74 33.03
N SER C 273 9.56 6.57 32.84
CA SER C 273 10.54 7.44 33.47
C SER C 273 11.78 7.50 32.61
N VAL C 274 12.69 8.46 32.90
CA VAL C 274 13.94 8.61 32.15
C VAL C 274 15.10 7.99 32.95
N MET D 7 0.05 4.31 -13.63
CA MET D 7 1.12 4.74 -14.58
C MET D 7 2.22 3.66 -14.76
N LEU D 8 2.95 3.78 -15.87
CA LEU D 8 3.91 2.79 -16.33
C LEU D 8 5.32 3.24 -16.00
N TYR D 9 6.11 2.30 -15.47
CA TYR D 9 7.48 2.53 -15.10
C TYR D 9 8.34 1.39 -15.64
N ALA D 10 9.56 1.75 -16.04
CA ALA D 10 10.61 0.78 -16.31
C ALA D 10 11.68 0.95 -15.23
N GLN D 11 12.13 -0.17 -14.66
CA GLN D 11 13.21 -0.09 -13.70
C GLN D 11 14.52 -0.25 -14.47
N VAL D 12 15.29 0.84 -14.51
CA VAL D 12 16.47 0.98 -15.34
C VAL D 12 17.56 1.57 -14.44
N ASN D 13 18.75 0.95 -14.44
CA ASN D 13 19.87 1.41 -13.62
C ASN D 13 19.40 1.65 -12.18
N GLY D 14 18.60 0.73 -11.63
CA GLY D 14 18.19 0.78 -10.23
C GLY D 14 17.20 1.90 -9.90
N ILE D 15 16.65 2.56 -10.93
CA ILE D 15 15.75 3.70 -10.80
C ILE D 15 14.44 3.34 -11.51
N ASN D 16 13.31 3.83 -11.01
CA ASN D 16 12.04 3.80 -11.72
C ASN D 16 11.85 5.02 -12.63
N LEU D 17 11.74 4.76 -13.93
CA LEU D 17 11.56 5.75 -14.97
C LEU D 17 10.13 5.67 -15.49
N HIS D 18 9.37 6.75 -15.30
CA HIS D 18 8.03 6.89 -15.85
C HIS D 18 8.11 7.12 -17.37
N TYR D 19 7.26 6.41 -18.11
CA TYR D 19 7.22 6.60 -19.55
C TYR D 19 5.78 6.45 -20.03
N GLU D 20 5.59 6.82 -21.31
CA GLU D 20 4.33 6.69 -22.02
C GLU D 20 4.67 6.25 -23.44
N ILE D 21 3.86 5.36 -24.00
CA ILE D 21 4.13 4.83 -25.32
C ILE D 21 2.79 4.78 -26.04
N GLU D 22 2.76 5.29 -27.27
CA GLU D 22 1.50 5.40 -27.97
C GLU D 22 1.74 5.40 -29.48
N GLY D 23 0.88 4.65 -30.18
CA GLY D 23 0.88 4.66 -31.62
C GLY D 23 1.30 3.30 -32.18
N GLN D 24 1.13 3.20 -33.48
CA GLN D 24 1.51 2.05 -34.26
C GLN D 24 2.56 2.60 -35.20
N GLY D 25 3.55 1.78 -35.54
CA GLY D 25 4.55 2.22 -36.50
C GLY D 25 5.94 1.94 -35.95
N GLN D 26 6.95 2.39 -36.67
CA GLN D 26 8.29 2.19 -36.19
C GLN D 26 8.47 3.02 -34.93
N PRO D 27 9.26 2.53 -33.95
CA PRO D 27 9.49 3.30 -32.72
C PRO D 27 10.25 4.61 -32.95
N LEU D 28 9.79 5.67 -32.26
CA LEU D 28 10.40 6.99 -32.26
C LEU D 28 10.51 7.43 -30.79
N LEU D 29 11.75 7.46 -30.30
CA LEU D 29 12.07 7.84 -28.92
C LEU D 29 12.33 9.33 -28.88
N LEU D 30 11.52 10.03 -28.07
CA LEU D 30 11.63 11.49 -27.88
C LEU D 30 12.32 11.78 -26.55
N ILE D 31 13.32 12.68 -26.59
CA ILE D 31 14.13 12.94 -25.43
C ILE D 31 14.09 14.45 -25.14
N MET D 32 13.61 14.76 -23.94
CA MET D 32 13.33 16.12 -23.51
C MET D 32 14.60 16.73 -22.88
N GLY D 33 14.61 18.08 -22.82
CA GLY D 33 15.80 18.81 -22.40
C GLY D 33 15.90 19.07 -20.90
N LEU D 34 16.56 20.18 -20.55
CA LEU D 34 17.10 20.40 -19.22
C LEU D 34 15.95 20.49 -18.20
N GLY D 35 15.92 19.53 -17.28
CA GLY D 35 14.98 19.54 -16.18
C GLY D 35 13.52 19.33 -16.56
N ALA D 36 13.23 18.90 -17.79
CA ALA D 36 11.86 18.88 -18.29
C ALA D 36 11.34 17.45 -18.30
N PRO D 37 10.11 17.20 -17.81
CA PRO D 37 9.47 15.88 -17.93
C PRO D 37 8.77 15.71 -19.28
N ALA D 38 8.23 14.50 -19.51
CA ALA D 38 7.49 14.17 -20.72
C ALA D 38 6.34 15.16 -20.92
N ALA D 39 5.75 15.63 -19.83
CA ALA D 39 4.61 16.55 -19.91
C ALA D 39 4.96 17.86 -20.64
N ALA D 40 6.24 18.20 -20.73
CA ALA D 40 6.65 19.45 -21.35
C ALA D 40 6.59 19.36 -22.89
N TRP D 41 6.46 18.15 -23.46
CA TRP D 41 6.31 18.03 -24.90
C TRP D 41 5.06 18.77 -25.38
N ASP D 42 5.19 19.49 -26.49
CA ASP D 42 4.03 20.05 -27.16
C ASP D 42 3.03 18.92 -27.46
N PRO D 43 1.78 18.95 -26.95
CA PRO D 43 0.89 17.82 -27.17
C PRO D 43 0.48 17.56 -28.61
N ILE D 44 0.22 18.61 -29.41
CA ILE D 44 -0.21 18.39 -30.78
C ILE D 44 0.92 17.73 -31.55
N PHE D 45 2.16 18.12 -31.28
CA PHE D 45 3.30 17.54 -31.96
C PHE D 45 3.34 16.03 -31.70
N VAL D 46 3.28 15.65 -30.43
CA VAL D 46 3.35 14.25 -30.05
C VAL D 46 2.16 13.49 -30.63
N GLN D 47 0.95 14.03 -30.45
CA GLN D 47 -0.22 13.36 -30.98
C GLN D 47 -0.12 13.10 -32.50
N THR D 48 0.38 14.08 -33.28
CA THR D 48 0.51 13.91 -34.72
C THR D 48 1.45 12.74 -35.06
N LEU D 49 2.58 12.67 -34.36
CA LEU D 49 3.55 11.64 -34.65
C LEU D 49 3.00 10.24 -34.32
N THR D 50 2.06 10.12 -33.37
CA THR D 50 1.48 8.81 -33.05
C THR D 50 0.64 8.25 -34.22
N LYS D 51 0.29 9.08 -35.22
CA LYS D 51 -0.46 8.60 -36.37
C LYS D 51 0.42 7.78 -37.29
N THR D 52 1.73 8.05 -37.33
CA THR D 52 2.62 7.36 -38.23
C THR D 52 3.64 6.51 -37.47
N HIS D 53 3.86 6.79 -36.17
CA HIS D 53 4.96 6.17 -35.45
C HIS D 53 4.50 5.70 -34.09
N GLN D 54 5.30 4.80 -33.50
CA GLN D 54 5.10 4.43 -32.12
C GLN D 54 6.00 5.35 -31.29
N VAL D 55 5.37 6.29 -30.59
CA VAL D 55 6.11 7.34 -29.89
C VAL D 55 6.32 6.97 -28.43
N ILE D 56 7.57 7.11 -28.01
CA ILE D 56 7.94 6.90 -26.61
C ILE D 56 8.44 8.24 -26.06
N ILE D 57 7.78 8.72 -25.01
CA ILE D 57 8.20 9.87 -24.24
C ILE D 57 8.41 9.39 -22.81
N TYR D 58 9.22 10.11 -22.03
CA TYR D 58 9.53 9.66 -20.68
C TYR D 58 10.06 10.82 -19.85
N ASP D 59 10.06 10.57 -18.55
CA ASP D 59 10.59 11.48 -17.56
C ASP D 59 12.01 11.04 -17.25
N ASN D 60 13.00 11.83 -17.69
CA ASN D 60 14.37 11.67 -17.20
C ASN D 60 14.40 11.62 -15.68
N ARG D 61 15.38 10.88 -15.14
CA ARG D 61 15.57 10.91 -13.70
C ARG D 61 15.68 12.37 -13.27
N GLY D 62 15.08 12.66 -12.10
CA GLY D 62 15.03 13.98 -11.51
C GLY D 62 13.79 14.78 -11.91
N THR D 63 12.98 14.23 -12.82
CA THR D 63 11.80 14.93 -13.32
C THR D 63 10.52 14.09 -13.24
N GLY D 64 9.40 14.79 -13.36
CA GLY D 64 8.12 14.17 -13.58
C GLY D 64 7.80 13.18 -12.47
N LEU D 65 7.44 11.94 -12.86
CA LEU D 65 7.08 10.91 -11.90
C LEU D 65 8.24 9.95 -11.68
N SER D 66 9.38 10.20 -12.34
CA SER D 66 10.53 9.32 -12.21
C SER D 66 11.15 9.54 -10.84
N ASP D 67 12.01 8.60 -10.43
CA ASP D 67 12.77 8.79 -9.19
C ASP D 67 13.75 9.94 -9.41
N LYS D 68 14.15 10.56 -8.30
CA LYS D 68 14.98 11.76 -8.34
C LYS D 68 16.14 11.61 -7.36
N PRO D 69 17.10 10.71 -7.64
CA PRO D 69 18.27 10.56 -6.77
C PRO D 69 19.18 11.79 -6.86
N ASP D 70 19.67 12.23 -5.69
CA ASP D 70 20.53 13.39 -5.59
C ASP D 70 22.00 12.97 -5.68
N MET D 71 22.48 12.87 -6.91
CA MET D 71 23.87 12.56 -7.24
C MET D 71 24.20 13.26 -8.55
N PRO D 72 25.50 13.40 -8.89
CA PRO D 72 25.89 13.94 -10.19
C PRO D 72 25.24 13.18 -11.36
N TYR D 73 24.62 13.93 -12.27
CA TYR D 73 24.05 13.39 -13.49
C TYR D 73 25.00 13.70 -14.64
N SER D 74 25.10 12.79 -15.60
CA SER D 74 25.87 13.05 -16.79
C SER D 74 25.03 12.66 -17.99
N ILE D 75 25.43 13.17 -19.16
CA ILE D 75 24.84 12.77 -20.42
C ILE D 75 25.03 11.27 -20.65
N ALA D 76 26.21 10.73 -20.33
CA ALA D 76 26.44 9.30 -20.53
C ALA D 76 25.41 8.48 -19.73
N MET D 77 25.15 8.88 -18.47
CA MET D 77 24.16 8.23 -17.61
C MET D 77 22.76 8.35 -18.24
N PHE D 78 22.38 9.57 -18.69
CA PHE D 78 21.08 9.74 -19.34
C PHE D 78 20.97 8.83 -20.60
N ALA D 79 22.05 8.68 -21.38
CA ALA D 79 21.98 7.85 -22.57
C ALA D 79 21.78 6.39 -22.17
N SER D 80 22.41 5.97 -21.06
CA SER D 80 22.30 4.61 -20.54
C SER D 80 20.87 4.35 -20.06
N ASP D 81 20.25 5.35 -19.40
CA ASP D 81 18.84 5.36 -19.04
C ASP D 81 17.94 5.16 -20.26
N ALA D 82 18.16 5.90 -21.36
CA ALA D 82 17.39 5.81 -22.58
C ALA D 82 17.49 4.42 -23.19
N VAL D 83 18.72 3.90 -23.34
CA VAL D 83 18.94 2.57 -23.88
C VAL D 83 18.27 1.52 -22.99
N GLY D 84 18.33 1.72 -21.68
CA GLY D 84 17.68 0.86 -20.70
C GLY D 84 16.16 0.81 -20.93
N LEU D 85 15.55 1.94 -21.29
CA LEU D 85 14.12 1.97 -21.53
C LEU D 85 13.81 1.17 -22.80
N LEU D 86 14.60 1.34 -23.85
CA LEU D 86 14.44 0.60 -25.11
C LEU D 86 14.54 -0.90 -24.83
N ASP D 87 15.51 -1.31 -24.00
CA ASP D 87 15.70 -2.71 -23.59
C ASP D 87 14.48 -3.22 -22.81
N ALA D 88 13.96 -2.41 -21.87
CA ALA D 88 12.79 -2.79 -21.09
C ALA D 88 11.56 -3.03 -21.98
N LEU D 89 11.42 -2.25 -23.05
CA LEU D 89 10.30 -2.33 -24.00
C LEU D 89 10.60 -3.30 -25.15
N ASN D 90 11.77 -3.95 -25.10
CA ASN D 90 12.21 -4.89 -26.12
C ASN D 90 12.21 -4.23 -27.51
N ILE D 91 12.78 -3.02 -27.61
CA ILE D 91 12.89 -2.32 -28.88
C ILE D 91 14.35 -2.35 -29.32
N PRO D 92 14.70 -3.11 -30.38
CA PRO D 92 16.09 -3.18 -30.81
C PRO D 92 16.70 -1.86 -31.32
N ARG D 93 15.99 -1.18 -32.20
CA ARG D 93 16.47 -0.01 -32.90
C ARG D 93 15.34 1.00 -32.92
N ALA D 94 15.66 2.29 -32.70
CA ALA D 94 14.62 3.32 -32.74
C ALA D 94 15.11 4.56 -33.47
N HIS D 95 14.18 5.31 -34.04
CA HIS D 95 14.47 6.67 -34.44
C HIS D 95 14.53 7.51 -33.17
N VAL D 96 15.49 8.46 -33.10
CA VAL D 96 15.73 9.19 -31.86
C VAL D 96 15.69 10.70 -32.13
N PHE D 97 14.72 11.40 -31.49
CA PHE D 97 14.62 12.85 -31.54
C PHE D 97 14.84 13.44 -30.16
N GLY D 98 15.88 14.28 -30.05
CA GLY D 98 16.28 14.90 -28.79
C GLY D 98 16.28 16.42 -28.93
N VAL D 99 15.71 17.12 -27.94
CA VAL D 99 15.68 18.60 -27.91
C VAL D 99 16.59 19.07 -26.78
N SER D 100 17.46 20.02 -27.13
CA SER D 100 18.29 20.72 -26.17
C SER D 100 19.22 19.71 -25.48
N MET D 101 19.19 19.62 -24.15
CA MET D 101 19.96 18.59 -23.43
C MET D 101 19.59 17.19 -23.92
N GLY D 102 18.34 17.01 -24.32
CA GLY D 102 17.90 15.76 -24.96
C GLY D 102 18.63 15.46 -26.26
N GLY D 103 19.02 16.53 -26.97
CA GLY D 103 19.78 16.43 -28.21
C GLY D 103 21.23 16.05 -27.95
N MET D 104 21.72 16.42 -26.77
CA MET D 104 23.02 15.98 -26.31
C MET D 104 22.99 14.49 -25.98
N ILE D 105 21.92 14.03 -25.30
CA ILE D 105 21.71 12.61 -25.02
C ILE D 105 21.64 11.84 -26.34
N ALA D 106 20.92 12.36 -27.34
CA ALA D 106 20.80 11.72 -28.63
C ALA D 106 22.17 11.54 -29.31
N GLN D 107 23.04 12.54 -29.23
CA GLN D 107 24.38 12.46 -29.79
C GLN D 107 25.17 11.36 -29.11
N GLU D 108 25.05 11.30 -27.78
CA GLU D 108 25.72 10.30 -26.98
C GLU D 108 25.30 8.90 -27.42
N LEU D 109 24.00 8.73 -27.71
CA LEU D 109 23.42 7.49 -28.20
C LEU D 109 23.99 7.12 -29.56
N ALA D 110 24.07 8.09 -30.47
CA ALA D 110 24.48 7.83 -31.84
C ALA D 110 25.95 7.43 -31.92
N ILE D 111 26.74 7.88 -30.93
CA ILE D 111 28.18 7.66 -30.88
C ILE D 111 28.48 6.32 -30.21
N HIS D 112 27.92 6.11 -29.01
CA HIS D 112 28.31 4.98 -28.18
C HIS D 112 27.38 3.77 -28.37
N TYR D 113 26.22 3.95 -29.03
CA TYR D 113 25.22 2.89 -29.17
C TYR D 113 24.61 2.95 -30.57
N PRO D 114 25.44 3.03 -31.62
CA PRO D 114 24.95 3.23 -32.99
C PRO D 114 24.04 2.11 -33.45
N GLN D 115 24.19 0.90 -32.90
CA GLN D 115 23.36 -0.24 -33.30
C GLN D 115 21.88 -0.03 -32.89
N ARG D 116 21.60 0.92 -31.98
CA ARG D 116 20.25 1.16 -31.45
C ARG D 116 19.56 2.33 -32.16
N VAL D 117 20.32 3.10 -32.94
CA VAL D 117 19.80 4.32 -33.50
C VAL D 117 19.56 4.10 -34.99
N ALA D 118 18.31 4.22 -35.40
CA ALA D 118 17.90 3.94 -36.77
C ALA D 118 18.05 5.21 -37.61
N SER D 119 17.64 6.33 -37.02
CA SER D 119 17.94 7.66 -37.51
C SER D 119 18.02 8.60 -36.30
N LEU D 120 18.50 9.83 -36.56
CA LEU D 120 18.85 10.76 -35.51
C LEU D 120 18.30 12.14 -35.85
N ILE D 121 17.55 12.75 -34.94
CA ILE D 121 17.11 14.14 -35.13
C ILE D 121 17.57 14.96 -33.92
N LEU D 122 18.35 16.00 -34.20
CA LEU D 122 18.98 16.80 -33.16
C LEU D 122 18.35 18.18 -33.22
N GLY D 123 17.50 18.47 -32.23
CA GLY D 123 16.72 19.71 -32.17
C GLY D 123 17.31 20.69 -31.17
N CYS D 124 17.50 21.94 -31.63
CA CYS D 124 18.00 23.04 -30.81
C CYS D 124 19.02 22.56 -29.78
N THR D 125 20.11 21.96 -30.28
CA THR D 125 21.15 21.41 -29.45
C THR D 125 22.56 21.83 -29.90
N THR D 126 23.54 21.28 -29.19
CA THR D 126 24.93 21.68 -29.27
C THR D 126 25.81 20.49 -28.87
N PRO D 127 27.07 20.42 -29.39
CA PRO D 127 28.03 19.39 -28.98
C PRO D 127 28.73 19.63 -27.65
N GLY D 128 28.47 20.79 -27.02
CA GLY D 128 29.17 21.16 -25.81
C GLY D 128 30.65 21.42 -26.09
N GLY D 129 31.41 21.57 -25.01
CA GLY D 129 32.85 21.79 -25.12
C GLY D 129 33.12 23.23 -25.54
N LYS D 130 34.37 23.50 -25.88
CA LYS D 130 34.80 24.87 -26.12
C LYS D 130 34.44 25.25 -27.56
N HIS D 131 34.24 24.25 -28.42
CA HIS D 131 33.84 24.45 -29.81
C HIS D 131 32.39 24.93 -29.92
N ALA D 132 31.60 24.63 -28.87
CA ALA D 132 30.21 25.02 -28.86
C ALA D 132 30.09 26.52 -28.60
N VAL D 133 28.89 27.06 -28.83
CA VAL D 133 28.57 28.45 -28.54
C VAL D 133 27.37 28.49 -27.60
N PRO D 134 27.59 28.51 -26.28
CA PRO D 134 26.50 28.69 -25.34
C PRO D 134 25.97 30.12 -25.26
N ALA D 135 24.67 30.24 -24.94
CA ALA D 135 24.14 31.49 -24.41
C ALA D 135 24.77 31.67 -23.05
N PRO D 136 24.72 32.87 -22.43
CA PRO D 136 25.23 33.02 -21.06
C PRO D 136 24.55 31.96 -20.18
N PRO D 137 25.30 31.22 -19.34
CA PRO D 137 24.72 30.12 -18.55
C PRO D 137 23.55 30.53 -17.64
N GLU D 138 23.44 31.82 -17.30
CA GLU D 138 22.34 32.32 -16.47
C GLU D 138 20.99 32.18 -17.18
N SER D 139 20.98 32.12 -18.51
CA SER D 139 19.76 31.90 -19.29
C SER D 139 19.14 30.53 -19.00
N LEU D 140 19.96 29.47 -19.11
CA LEU D 140 19.54 28.12 -18.79
C LEU D 140 19.34 27.98 -17.27
N LYS D 141 20.24 28.60 -16.47
CA LYS D 141 20.29 28.32 -15.04
C LYS D 141 19.01 28.77 -14.34
N ALA D 142 18.55 29.98 -14.69
CA ALA D 142 17.51 30.68 -13.91
C ALA D 142 16.15 30.47 -14.56
N LEU D 143 16.13 29.64 -15.62
CA LEU D 143 14.94 29.35 -16.41
C LEU D 143 13.82 28.75 -15.54
N GLU D 144 14.22 27.87 -14.60
CA GLU D 144 13.30 27.30 -13.61
C GLU D 144 12.78 28.37 -12.65
N GLY D 145 13.40 29.56 -12.67
CA GLY D 145 13.01 30.65 -11.80
C GLY D 145 13.88 30.73 -10.55
N ARG D 146 13.70 31.84 -9.81
CA ARG D 146 14.48 32.13 -8.60
C ARG D 146 13.54 32.05 -7.39
N ALA D 147 14.10 32.25 -6.20
CA ALA D 147 13.37 32.08 -4.95
C ALA D 147 12.23 33.10 -4.80
N GLY D 148 12.24 34.20 -5.57
CA GLY D 148 11.18 35.18 -5.48
C GLY D 148 9.99 34.90 -6.40
N LEU D 149 10.12 33.92 -7.32
CA LEU D 149 9.10 33.69 -8.33
C LEU D 149 8.29 32.43 -8.04
N THR D 150 6.97 32.52 -8.22
CA THR D 150 6.13 31.33 -8.29
C THR D 150 6.53 30.48 -9.51
N PRO D 151 6.17 29.18 -9.46
CA PRO D 151 6.36 28.29 -10.60
C PRO D 151 5.66 28.78 -11.86
N GLU D 152 4.45 29.31 -11.72
CA GLU D 152 3.74 29.85 -12.86
C GLU D 152 4.46 31.07 -13.43
N GLU D 153 4.98 31.96 -12.59
CA GLU D 153 5.59 33.14 -13.17
C GLU D 153 6.99 32.82 -13.69
N ALA D 154 7.63 31.74 -13.19
CA ALA D 154 8.86 31.25 -13.82
C ALA D 154 8.54 30.74 -15.23
N ILE D 155 7.40 30.06 -15.42
CA ILE D 155 7.02 29.55 -16.73
C ILE D 155 6.82 30.71 -17.69
N ARG D 156 6.04 31.71 -17.27
CA ARG D 156 5.71 32.88 -18.07
C ARG D 156 6.97 33.63 -18.48
N GLU D 157 7.90 33.84 -17.54
CA GLU D 157 9.17 34.48 -17.84
C GLU D 157 10.02 33.63 -18.78
N GLY D 158 9.97 32.30 -18.61
CA GLY D 158 10.64 31.37 -19.50
C GLY D 158 10.20 31.49 -20.96
N TRP D 159 8.92 31.81 -21.20
CA TRP D 159 8.41 31.93 -22.56
C TRP D 159 9.21 32.96 -23.33
N LYS D 160 9.61 34.03 -22.62
CA LYS D 160 10.35 35.12 -23.24
C LYS D 160 11.66 34.65 -23.84
N LEU D 161 12.27 33.58 -23.29
CA LEU D 161 13.53 33.05 -23.81
C LEU D 161 13.29 32.05 -24.94
N SER D 162 12.04 31.60 -25.15
CA SER D 162 11.71 30.55 -26.12
C SER D 162 10.94 31.05 -27.34
N PHE D 163 10.26 32.20 -27.16
CA PHE D 163 9.32 32.72 -28.13
C PHE D 163 9.48 34.23 -28.26
N SER D 164 9.21 34.76 -29.47
CA SER D 164 9.16 36.19 -29.71
C SER D 164 8.01 36.80 -28.93
N GLU D 165 8.11 38.10 -28.62
CA GLU D 165 7.01 38.75 -27.92
C GLU D 165 5.74 38.70 -28.77
N GLU D 166 5.82 38.69 -30.10
CA GLU D 166 4.58 38.70 -30.84
C GLU D 166 3.96 37.30 -30.86
N PHE D 167 4.78 36.24 -30.91
CA PHE D 167 4.23 34.90 -30.79
C PHE D 167 3.47 34.75 -29.48
N ILE D 168 4.08 35.20 -28.38
CA ILE D 168 3.51 35.06 -27.06
C ILE D 168 2.15 35.77 -27.03
N HIS D 169 2.09 36.95 -27.64
CA HIS D 169 0.86 37.75 -27.65
C HIS D 169 -0.22 37.02 -28.43
N THR D 170 0.10 36.50 -29.62
CA THR D 170 -0.92 35.93 -30.50
C THR D 170 -1.27 34.49 -30.12
N HIS D 171 -0.48 33.83 -29.24
CA HIS D 171 -0.69 32.43 -28.88
C HIS D 171 -0.86 32.26 -27.37
N LYS D 172 -1.45 33.25 -26.73
CA LYS D 172 -1.45 33.34 -25.27
C LYS D 172 -2.20 32.17 -24.63
N ALA D 173 -3.42 31.92 -25.10
CA ALA D 173 -4.24 30.87 -24.51
C ALA D 173 -3.62 29.48 -24.70
N GLU D 174 -2.96 29.24 -25.84
CA GLU D 174 -2.29 27.98 -26.14
C GLU D 174 -1.15 27.76 -25.15
N LEU D 175 -0.30 28.76 -24.95
CA LEU D 175 0.79 28.70 -23.97
C LEU D 175 0.25 28.48 -22.56
N GLU D 176 -0.80 29.20 -22.17
CA GLU D 176 -1.33 29.11 -20.81
C GLU D 176 -1.99 27.76 -20.56
N ALA D 177 -2.54 27.12 -21.59
CA ALA D 177 -3.14 25.80 -21.41
C ALA D 177 -2.11 24.77 -20.97
N HIS D 178 -0.82 25.04 -21.24
CA HIS D 178 0.26 24.10 -20.95
C HIS D 178 0.65 24.19 -19.47
N ILE D 179 0.26 25.27 -18.77
CA ILE D 179 0.73 25.51 -17.41
C ILE D 179 0.30 24.38 -16.48
N PRO D 180 -0.98 23.95 -16.40
CA PRO D 180 -1.34 22.87 -15.48
C PRO D 180 -0.56 21.55 -15.64
N ARG D 181 -0.24 21.16 -16.88
CA ARG D 181 0.49 19.93 -17.14
C ARG D 181 1.90 20.05 -16.57
N LEU D 182 2.53 21.22 -16.73
CA LEU D 182 3.86 21.49 -16.21
C LEU D 182 3.90 21.60 -14.68
N LEU D 183 2.83 22.14 -14.06
CA LEU D 183 2.81 22.33 -12.60
C LEU D 183 2.53 21.00 -11.88
N ALA D 184 2.01 20.00 -12.61
CA ALA D 184 1.58 18.75 -11.98
C ALA D 184 2.73 18.12 -11.20
N GLN D 185 3.91 18.04 -11.81
CA GLN D 185 5.14 17.56 -11.20
C GLN D 185 6.24 18.59 -11.47
N LEU D 186 6.49 19.39 -10.44
CA LEU D 186 7.57 20.36 -10.51
C LEU D 186 8.90 19.64 -10.31
N THR D 187 9.86 19.93 -11.17
CA THR D 187 11.21 19.43 -10.97
C THR D 187 11.78 20.09 -9.73
N PRO D 188 12.32 19.33 -8.78
CA PRO D 188 12.93 19.95 -7.61
C PRO D 188 14.19 20.71 -7.98
N ARG D 189 14.47 21.77 -7.20
CA ARG D 189 15.62 22.65 -7.46
C ARG D 189 16.90 21.82 -7.46
N PHE D 190 17.01 20.82 -6.56
CA PHE D 190 18.25 20.04 -6.52
C PHE D 190 18.43 19.27 -7.84
N ALA D 191 17.32 18.76 -8.39
CA ALA D 191 17.37 17.96 -9.62
C ALA D 191 17.66 18.88 -10.80
N TYR D 192 17.00 20.04 -10.82
CA TYR D 192 17.26 21.03 -11.86
C TYR D 192 18.76 21.36 -11.93
N GLU D 193 19.42 21.60 -10.77
CA GLU D 193 20.85 21.87 -10.73
CA GLU D 193 20.84 21.90 -10.75
C GLU D 193 21.65 20.69 -11.27
N ARG D 194 21.24 19.46 -10.92
CA ARG D 194 21.95 18.29 -11.40
C ARG D 194 21.86 18.18 -12.92
N HIS D 195 20.70 18.54 -13.50
CA HIS D 195 20.53 18.58 -14.95
C HIS D 195 21.42 19.65 -15.58
N PHE D 196 21.41 20.84 -14.96
CA PHE D 196 22.21 21.97 -15.46
C PHE D 196 23.69 21.59 -15.54
N GLN D 197 24.22 20.96 -14.51
CA GLN D 197 25.62 20.55 -14.52
C GLN D 197 25.86 19.43 -15.53
N ALA D 198 24.83 18.61 -15.81
CA ALA D 198 24.96 17.53 -16.78
C ALA D 198 25.16 18.10 -18.18
N THR D 199 24.56 19.25 -18.49
CA THR D 199 24.66 19.82 -19.82
C THR D 199 26.11 20.11 -20.21
N MET D 200 27.01 20.10 -19.22
CA MET D 200 28.41 20.42 -19.45
C MET D 200 29.27 19.17 -19.54
N THR D 201 28.67 17.97 -19.61
CA THR D 201 29.46 16.75 -19.56
C THR D 201 29.42 16.03 -20.90
N LEU D 202 29.06 16.74 -21.99
CA LEU D 202 29.20 16.20 -23.33
C LEU D 202 30.46 16.76 -24.02
N ARG D 203 31.41 15.89 -24.34
CA ARG D 203 32.57 16.29 -25.13
C ARG D 203 32.59 15.43 -26.39
N VAL D 204 31.99 15.91 -27.48
CA VAL D 204 31.82 15.02 -28.61
C VAL D 204 32.23 15.68 -29.93
N PHE D 205 32.76 16.92 -29.91
CA PHE D 205 32.99 17.65 -31.16
C PHE D 205 33.77 16.78 -32.16
N LYS D 206 34.92 16.25 -31.72
CA LYS D 206 35.80 15.50 -32.61
C LYS D 206 35.21 14.11 -32.90
N GLN D 207 34.38 13.59 -31.98
CA GLN D 207 33.69 12.32 -32.17
C GLN D 207 32.47 12.42 -33.09
N LEU D 208 32.05 13.63 -33.49
CA LEU D 208 30.84 13.79 -34.30
C LEU D 208 31.02 13.08 -35.65
N LYS D 209 32.24 13.14 -36.20
CA LYS D 209 32.61 12.51 -37.45
C LYS D 209 32.32 11.01 -37.45
N GLU D 210 32.34 10.36 -36.27
CA GLU D 210 32.10 8.93 -36.14
C GLU D 210 30.61 8.58 -36.13
N ILE D 211 29.71 9.57 -36.16
CA ILE D 211 28.29 9.27 -36.15
C ILE D 211 27.91 8.69 -37.51
N GLN D 212 27.33 7.48 -37.44
CA GLN D 212 26.96 6.66 -38.57
C GLN D 212 25.53 6.95 -39.03
N ALA D 213 24.64 7.30 -38.09
CA ALA D 213 23.21 7.36 -38.34
C ALA D 213 22.84 8.49 -39.31
N PRO D 214 21.81 8.30 -40.16
CA PRO D 214 21.26 9.39 -40.97
C PRO D 214 20.71 10.44 -40.02
N THR D 215 20.98 11.72 -40.29
CA THR D 215 20.82 12.73 -39.27
C THR D 215 20.14 13.94 -39.87
N LEU D 216 19.14 14.43 -39.13
CA LEU D 216 18.54 15.72 -39.38
C LEU D 216 18.85 16.61 -38.16
N VAL D 217 19.38 17.81 -38.44
CA VAL D 217 19.69 18.80 -37.42
C VAL D 217 18.69 19.93 -37.62
N ALA D 218 17.93 20.27 -36.56
CA ALA D 218 16.85 21.23 -36.70
C ALA D 218 16.88 22.28 -35.57
N THR D 219 16.63 23.57 -35.92
CA THR D 219 16.59 24.65 -34.93
C THR D 219 15.78 25.84 -35.44
N GLY D 220 15.32 26.66 -34.51
CA GLY D 220 14.81 27.99 -34.81
C GLY D 220 15.97 28.97 -35.03
N ARG D 221 15.83 29.86 -36.04
CA ARG D 221 16.88 30.80 -36.40
C ARG D 221 17.26 31.66 -35.20
N ASP D 222 16.23 32.12 -34.47
CA ASP D 222 16.35 33.11 -33.40
C ASP D 222 16.35 32.49 -32.00
N ASP D 223 17.08 31.38 -31.81
CA ASP D 223 17.12 30.71 -30.52
C ASP D 223 18.03 31.48 -29.56
N MET D 224 17.45 31.94 -28.44
CA MET D 224 18.14 32.76 -27.46
C MET D 224 18.79 31.91 -26.37
N LEU D 225 18.38 30.65 -26.23
CA LEU D 225 18.88 29.79 -25.15
C LEU D 225 20.02 28.90 -25.66
N ILE D 226 19.85 28.40 -26.89
CA ILE D 226 20.89 27.64 -27.60
C ILE D 226 21.08 28.25 -28.99
N PRO D 227 22.13 29.09 -29.19
CA PRO D 227 22.28 29.78 -30.48
C PRO D 227 22.26 28.80 -31.63
N ALA D 228 21.52 29.17 -32.70
CA ALA D 228 21.36 28.37 -33.90
C ALA D 228 22.68 27.98 -34.56
N VAL D 229 23.76 28.74 -34.32
CA VAL D 229 25.01 28.42 -34.95
C VAL D 229 25.50 27.04 -34.49
N ASN D 230 25.03 26.55 -33.33
CA ASN D 230 25.43 25.24 -32.90
C ASN D 230 24.96 24.16 -33.87
N SER D 231 23.80 24.39 -34.52
CA SER D 231 23.24 23.45 -35.48
C SER D 231 24.06 23.43 -36.77
N GLU D 232 24.69 24.56 -37.11
CA GLU D 232 25.56 24.65 -38.27
C GLU D 232 26.79 23.81 -37.99
N ILE D 233 27.31 23.89 -36.75
CA ILE D 233 28.45 23.11 -36.33
C ILE D 233 28.13 21.62 -36.43
N LEU D 234 26.94 21.22 -35.98
CA LEU D 234 26.56 19.83 -35.96
C LEU D 234 26.36 19.32 -37.39
N ALA D 235 25.69 20.10 -38.23
CA ALA D 235 25.45 19.68 -39.60
C ALA D 235 26.78 19.52 -40.35
N ARG D 236 27.81 20.30 -39.97
CA ARG D 236 29.09 20.26 -40.66
C ARG D 236 29.87 19.02 -40.25
N GLU D 237 29.88 18.70 -38.95
CA GLU D 237 30.77 17.68 -38.42
C GLU D 237 30.22 16.27 -38.61
N ILE D 238 28.88 16.13 -38.67
CA ILE D 238 28.24 14.82 -38.75
C ILE D 238 28.15 14.45 -40.22
N PRO D 239 28.73 13.30 -40.66
CA PRO D 239 28.70 12.92 -42.07
C PRO D 239 27.27 12.79 -42.61
N GLY D 240 27.02 13.51 -43.70
CA GLY D 240 25.75 13.38 -44.42
C GLY D 240 24.57 14.03 -43.71
N ALA D 241 24.81 14.79 -42.63
CA ALA D 241 23.73 15.39 -41.86
C ALA D 241 22.96 16.40 -42.72
N GLU D 242 21.64 16.32 -42.67
CA GLU D 242 20.77 17.35 -43.24
C GLU D 242 20.48 18.39 -42.15
N LEU D 243 20.12 19.62 -42.58
CA LEU D 243 19.96 20.76 -41.68
C LEU D 243 18.69 21.52 -42.06
N ALA D 244 17.87 21.87 -41.06
CA ALA D 244 16.70 22.70 -41.28
C ALA D 244 16.66 23.80 -40.22
N ILE D 245 16.58 25.03 -40.70
CA ILE D 245 16.57 26.19 -39.84
C ILE D 245 15.28 26.93 -40.09
N PHE D 246 14.47 27.10 -39.04
CA PHE D 246 13.14 27.69 -39.16
C PHE D 246 13.21 29.17 -38.84
N GLU D 247 12.93 29.99 -39.86
CA GLU D 247 13.03 31.43 -39.74
C GLU D 247 11.92 31.89 -38.80
N SER D 248 12.15 32.94 -38.01
CA SER D 248 11.11 33.52 -37.16
C SER D 248 10.63 32.52 -36.12
N ALA D 249 11.56 31.76 -35.53
CA ALA D 249 11.28 30.84 -34.45
C ALA D 249 12.51 30.78 -33.58
N GLY D 250 12.33 30.41 -32.30
CA GLY D 250 13.46 30.32 -31.42
C GLY D 250 13.56 28.92 -30.81
N HIS D 251 13.86 28.88 -29.52
CA HIS D 251 14.05 27.65 -28.79
C HIS D 251 12.78 26.78 -28.83
N GLY D 252 11.62 27.44 -28.79
CA GLY D 252 10.33 26.77 -28.79
C GLY D 252 9.81 26.40 -30.18
N PHE D 253 10.71 26.18 -31.16
CA PHE D 253 10.31 25.93 -32.54
C PHE D 253 9.40 24.71 -32.70
N VAL D 254 9.49 23.67 -31.84
CA VAL D 254 8.61 22.51 -32.00
C VAL D 254 7.17 22.98 -31.92
N THR D 255 6.95 24.02 -31.11
CA THR D 255 5.66 24.66 -30.97
C THR D 255 5.46 25.80 -31.97
N SER D 256 6.39 26.77 -32.07
CA SER D 256 6.17 27.96 -32.89
C SER D 256 6.35 27.70 -34.41
N ALA D 257 7.10 26.67 -34.81
CA ALA D 257 7.14 26.24 -36.19
C ALA D 257 6.69 24.78 -36.31
N ARG D 258 5.57 24.46 -35.63
CA ARG D 258 5.12 23.07 -35.49
C ARG D 258 4.85 22.47 -36.86
N GLU D 259 3.99 23.13 -37.66
CA GLU D 259 3.58 22.57 -38.94
C GLU D 259 4.76 22.49 -39.92
N PRO D 260 5.54 23.56 -40.16
CA PRO D 260 6.79 23.44 -40.93
C PRO D 260 7.76 22.33 -40.54
N PHE D 261 8.02 22.19 -39.24
CA PHE D 261 8.93 21.18 -38.72
C PHE D 261 8.36 19.79 -38.93
N LEU D 262 7.06 19.62 -38.65
CA LEU D 262 6.41 18.35 -38.86
C LEU D 262 6.56 17.91 -40.32
N LYS D 263 6.41 18.86 -41.25
CA LYS D 263 6.58 18.51 -42.65
C LYS D 263 8.00 17.98 -42.93
N VAL D 264 9.03 18.68 -42.42
CA VAL D 264 10.42 18.30 -42.62
C VAL D 264 10.75 16.99 -41.90
N LEU D 265 10.22 16.84 -40.68
CA LEU D 265 10.51 15.68 -39.88
C LEU D 265 9.94 14.42 -40.54
N LYS D 266 8.67 14.50 -40.98
CA LYS D 266 7.97 13.40 -41.62
C LYS D 266 8.65 12.98 -42.93
N GLU D 267 9.12 13.93 -43.76
CA GLU D 267 9.73 13.61 -45.04
C GLU D 267 11.09 12.98 -44.78
N PHE D 268 11.72 13.34 -43.66
CA PHE D 268 12.96 12.71 -43.24
C PHE D 268 12.71 11.29 -42.76
N LEU D 269 11.72 11.11 -41.88
CA LEU D 269 11.46 9.81 -41.28
C LEU D 269 10.92 8.82 -42.31
N ALA D 270 10.20 9.32 -43.32
CA ALA D 270 9.66 8.50 -44.39
C ALA D 270 10.79 7.82 -45.19
N ARG D 271 12.01 8.36 -45.14
CA ARG D 271 13.14 7.78 -45.85
C ARG D 271 13.92 6.81 -44.95
N GLN D 272 13.45 6.57 -43.72
CA GLN D 272 14.22 5.79 -42.75
C GLN D 272 13.46 4.52 -42.42
N SER D 273 14.15 3.58 -41.78
CA SER D 273 13.56 2.37 -41.21
C SER D 273 14.43 1.86 -40.06
N VAL D 274 13.92 0.90 -39.28
CA VAL D 274 14.54 0.49 -38.02
C VAL D 274 15.28 -0.86 -38.18
#